data_3MDL
#
_entry.id   3MDL
#
_cell.length_a   118.958
_cell.length_b   131.773
_cell.length_c   179.858
_cell.angle_alpha   90.00
_cell.angle_beta   90.00
_cell.angle_gamma   90.00
#
_symmetry.space_group_name_H-M   'I 2 2 2'
#
loop_
_entity.id
_entity.type
_entity.pdbx_description
1 polymer 'Prostaglandin G/H synthase 2'
2 branched 2-acetamido-2-deoxy-beta-D-glucopyranose-(1-4)-2-acetamido-2-deoxy-beta-D-glucopyranose
3 branched alpha-D-mannopyranose-(1-4)-2-acetamido-2-deoxy-beta-D-glucopyranose-(1-4)-2-acetamido-2-deoxy-beta-D-glucopyranose
4 non-polymer '(2S)-2,3-dihydroxypropyl (5Z,8Z,11Z,14Z)-icosa-5,8,11,14-tetraenoate'
5 non-polymer 'ACRYLIC ACID'
6 non-polymer GLYCEROL
7 non-polymer 'PROTOPORPHYRIN IX CONTAINING CO'
8 non-polymer 2-acetamido-2-deoxy-beta-D-glucopyranose
9 non-polymer 'octyl beta-D-glucopyranoside'
10 water water
#
_entity_poly.entity_id   1
_entity_poly.type   'polypeptide(L)'
_entity_poly.pdbx_seq_one_letter_code
;NHHHHHHPCCSNPCQNRGECMSTGFDQYKCDCTRTGFYGENCTTPEFLTRIKLLLKPTPNTVHYILTHFKGVWNIVNNIP
FLRSLIMKYVLTSRSYLIDSPPTYNVHYGYKSWEAFSNLSYYTRALPPVADDCPTPMGVKGNKELPDSKEVLEKVLLRRE
FIPDPQGSNMMFAFFAQHFTHQFFKTDHKRGPGFTRGLGHGVDLNHIYGETLDRQHKLRLFKDGKLKYQVIGGEVYPPTV
KDTQVEMIYPPHIPENLQFAVGQEVFGLVPGLMMYATIWLREHNRVCDILKQEHPEWGDEQLFQTSRLILIGETIKIVIE
DYVQHLSGYHFKLKFDPELLFNQQFQYQNRIASEFNTLYHWHPLLPDTFNIEDQEYSFKQFLYNNSILLEHGLTQFVESF
TRQIAGRVAGGRNVPIAVQAVAKASIDQSREMKYQSLNEYRKRFSLKPYTSFEELTGEKEMAAELKALYSDIDVMELYPA
LLVEKPRPDAIFGETMVELGAPFSLKGLMGNPICSPQYWKPSTFGGEVGFKIINTASIQSLICNNVKGCPFTSFNVQDPQ
PTKTATIAASASHSRLDDINPTVLIKR
;
_entity_poly.pdbx_strand_id   A,B
#
# COMPACT_ATOMS: atom_id res chain seq x y z
N HIS A 6 20.16 29.52 -9.11
CA HIS A 6 19.80 28.07 -9.13
C HIS A 6 19.45 27.52 -7.74
N HIS A 7 18.78 26.38 -7.71
CA HIS A 7 18.37 25.70 -6.48
C HIS A 7 19.57 25.52 -5.51
N PRO A 8 19.44 26.05 -4.29
CA PRO A 8 20.54 25.97 -3.31
C PRO A 8 20.91 24.56 -2.87
N CYS A 9 20.06 23.57 -3.17
CA CYS A 9 20.35 22.17 -2.83
C CYS A 9 21.07 21.40 -3.95
N CYS A 10 21.39 22.08 -5.05
CA CYS A 10 22.09 21.45 -6.18
C CYS A 10 23.37 20.67 -5.83
N SER A 11 24.15 21.20 -4.89
CA SER A 11 25.42 20.58 -4.51
C SER A 11 25.27 19.34 -3.62
N ASN A 12 24.01 18.98 -3.33
CA ASN A 12 23.70 17.90 -2.39
C ASN A 12 24.45 18.04 -1.06
N PRO A 13 24.26 19.18 -0.37
CA PRO A 13 25.07 19.46 0.81
C PRO A 13 24.73 18.61 2.04
N CYS A 14 23.50 18.12 2.13
CA CYS A 14 23.06 17.37 3.30
C CYS A 14 23.51 15.91 3.24
N GLN A 15 24.25 15.52 4.28
CA GLN A 15 24.83 14.18 4.40
C GLN A 15 24.06 13.27 5.33
N ASN A 16 24.32 11.97 5.21
CA ASN A 16 23.79 10.94 6.12
C ASN A 16 22.26 10.86 6.18
N ARG A 17 21.64 10.95 5.00
CA ARG A 17 20.18 10.89 4.83
C ARG A 17 19.44 12.14 5.34
N GLY A 18 20.18 13.18 5.71
CA GLY A 18 19.59 14.49 6.00
C GLY A 18 18.90 15.03 4.77
N GLU A 19 17.79 15.75 4.97
CA GLU A 19 16.98 16.23 3.84
C GLU A 19 17.18 17.72 3.59
N CYS A 20 17.44 18.06 2.34
CA CYS A 20 17.74 19.45 1.96
C CYS A 20 16.47 20.18 1.53
N MET A 21 16.31 21.38 2.08
CA MET A 21 15.19 22.25 1.75
C MET A 21 15.74 23.66 1.51
N SER A 22 15.30 24.31 0.44
CA SER A 22 15.66 25.72 0.23
C SER A 22 14.94 26.58 1.27
N THR A 23 15.60 27.65 1.73
CA THR A 23 15.02 28.57 2.70
C THR A 23 14.98 29.98 2.13
N GLY A 24 15.49 30.10 0.91
CA GLY A 24 15.53 31.35 0.18
C GLY A 24 16.15 31.04 -1.16
N PHE A 25 16.44 32.06 -1.95
CA PHE A 25 16.98 31.86 -3.29
C PHE A 25 18.38 31.25 -3.28
N ASP A 26 19.16 31.58 -2.25
CA ASP A 26 20.56 31.18 -2.19
C ASP A 26 20.91 30.48 -0.88
N GLN A 27 19.89 30.06 -0.14
CA GLN A 27 20.08 29.46 1.17
C GLN A 27 19.35 28.12 1.30
N TYR A 28 19.97 27.16 1.98
CA TYR A 28 19.35 25.87 2.26
C TYR A 28 19.37 25.56 3.76
N LYS A 29 18.56 24.59 4.16
CA LYS A 29 18.61 24.02 5.50
C LYS A 29 18.58 22.50 5.41
N CYS A 30 19.36 21.83 6.27
CA CYS A 30 19.31 20.37 6.36
C CYS A 30 18.44 19.92 7.53
N ASP A 31 17.52 19.01 7.25
CA ASP A 31 16.70 18.38 8.27
C ASP A 31 17.35 17.07 8.69
N CYS A 32 18.01 17.09 9.84
CA CYS A 32 18.78 15.95 10.32
C CYS A 32 17.97 14.98 11.21
N THR A 33 16.65 15.19 11.26
CA THR A 33 15.75 14.34 12.04
C THR A 33 16.07 12.85 11.88
N ARG A 34 16.34 12.20 13.01
CA ARG A 34 16.58 10.74 13.12
C ARG A 34 17.71 10.16 12.27
N THR A 35 18.60 11.02 11.78
CA THR A 35 19.79 10.59 11.04
C THR A 35 20.91 10.09 11.96
N GLY A 36 20.89 10.51 13.21
CA GLY A 36 21.98 10.21 14.15
C GLY A 36 23.10 11.23 14.04
N PHE A 37 22.89 12.24 13.21
CA PHE A 37 23.83 13.31 12.98
C PHE A 37 23.15 14.66 13.20
N TYR A 38 23.96 15.70 13.37
CA TYR A 38 23.47 17.08 13.46
C TYR A 38 24.50 18.05 12.90
N GLY A 39 24.24 19.35 13.06
CA GLY A 39 25.09 20.37 12.48
C GLY A 39 24.51 20.76 11.14
N GLU A 40 25.11 21.77 10.52
CA GLU A 40 24.58 22.39 9.30
C GLU A 40 24.27 21.39 8.18
N ASN A 41 25.15 20.41 7.97
CA ASN A 41 24.98 19.43 6.89
C ASN A 41 24.76 18.01 7.38
N CYS A 42 24.40 17.86 8.65
CA CYS A 42 24.22 16.55 9.29
C CYS A 42 25.51 15.71 9.20
N THR A 43 26.64 16.34 9.53
CA THR A 43 27.95 15.67 9.46
C THR A 43 28.60 15.51 10.84
N THR A 44 27.99 16.08 11.87
CA THR A 44 28.46 15.88 13.24
C THR A 44 27.68 14.75 13.88
N PRO A 45 28.36 13.63 14.21
CA PRO A 45 27.66 12.47 14.75
C PRO A 45 27.32 12.61 16.24
N GLU A 46 26.18 12.06 16.63
CA GLU A 46 25.83 11.91 18.04
C GLU A 46 26.79 10.87 18.64
N PHE A 47 26.91 10.86 19.96
CA PHE A 47 27.85 9.94 20.62
C PHE A 47 27.53 8.49 20.33
N LEU A 48 26.26 8.11 20.43
CA LEU A 48 25.83 6.74 20.15
C LEU A 48 26.10 6.35 18.70
N THR A 49 26.00 7.32 17.79
CA THR A 49 26.28 7.09 16.37
C THR A 49 27.76 6.82 16.12
N ARG A 50 28.61 7.59 16.82
CA ARG A 50 30.07 7.49 16.68
C ARG A 50 30.59 6.10 17.05
N ILE A 51 29.99 5.50 18.07
CA ILE A 51 30.32 4.15 18.50
C ILE A 51 29.88 3.12 17.45
N LYS A 52 28.69 3.34 16.88
CA LYS A 52 28.13 2.45 15.85
C LYS A 52 28.99 2.38 14.60
N LEU A 53 29.49 3.55 14.16
CA LEU A 53 30.38 3.63 12.99
C LEU A 53 31.70 2.91 13.20
N LEU A 54 32.24 3.01 14.41
CA LEU A 54 33.49 2.34 14.77
C LEU A 54 33.32 0.81 14.79
N LEU A 55 32.18 0.35 15.29
CA LEU A 55 31.90 -1.07 15.45
C LEU A 55 31.37 -1.76 14.19
N LYS A 56 30.82 -0.97 13.26
CA LYS A 56 30.19 -1.53 12.06
C LYS A 56 31.22 -2.00 11.03
N PRO A 57 31.23 -3.31 10.72
CA PRO A 57 32.14 -3.79 9.68
C PRO A 57 31.67 -3.33 8.31
N THR A 58 32.63 -3.15 7.39
CA THR A 58 32.32 -2.76 6.01
C THR A 58 31.55 -3.87 5.29
N PRO A 59 30.85 -3.53 4.19
CA PRO A 59 30.19 -4.60 3.41
C PRO A 59 31.19 -5.62 2.84
N ASN A 60 32.40 -5.16 2.53
CA ASN A 60 33.46 -6.03 2.00
C ASN A 60 34.00 -7.02 3.02
N THR A 61 33.98 -6.61 4.30
CA THR A 61 34.38 -7.49 5.41
C THR A 61 33.33 -8.58 5.62
N VAL A 62 32.06 -8.16 5.68
CA VAL A 62 30.93 -9.07 5.83
C VAL A 62 30.89 -10.08 4.67
N HIS A 63 31.09 -9.59 3.45
CA HIS A 63 31.13 -10.44 2.25
C HIS A 63 32.22 -11.51 2.38
N TYR A 64 33.40 -11.11 2.87
CA TYR A 64 34.51 -12.04 3.07
C TYR A 64 34.10 -13.16 4.03
N ILE A 65 33.48 -12.78 5.15
CA ILE A 65 33.05 -13.73 6.17
C ILE A 65 32.02 -14.73 5.62
N LEU A 66 31.05 -14.20 4.89
CA LEU A 66 29.98 -15.01 4.29
C LEU A 66 30.47 -15.94 3.18
N THR A 67 31.61 -15.61 2.56
CA THR A 67 32.17 -16.40 1.46
C THR A 67 33.43 -17.20 1.80
N HIS A 68 33.81 -17.22 3.09
CA HIS A 68 34.88 -18.08 3.57
C HIS A 68 34.37 -18.89 4.77
N PHE A 69 35.25 -19.66 5.40
CA PHE A 69 34.92 -20.44 6.59
C PHE A 69 33.76 -21.43 6.35
N LYS A 70 33.84 -22.17 5.24
CA LYS A 70 32.76 -23.09 4.85
C LYS A 70 32.43 -24.11 5.95
N GLY A 71 33.45 -24.54 6.68
CA GLY A 71 33.27 -25.47 7.79
C GLY A 71 32.39 -24.94 8.91
N VAL A 72 32.55 -23.65 9.22
CA VAL A 72 31.71 -23.01 10.24
C VAL A 72 30.29 -22.83 9.72
N TRP A 73 30.16 -22.40 8.46
CA TRP A 73 28.84 -22.23 7.84
C TRP A 73 28.10 -23.55 7.67
N ASN A 74 28.85 -24.61 7.35
CA ASN A 74 28.27 -25.95 7.27
C ASN A 74 27.63 -26.37 8.60
N ILE A 75 28.20 -25.91 9.71
CA ILE A 75 27.59 -26.11 11.03
C ILE A 75 26.35 -25.21 11.19
N VAL A 76 26.52 -23.91 10.92
CA VAL A 76 25.44 -22.93 11.02
C VAL A 76 24.20 -23.32 10.20
N ASN A 77 24.42 -23.72 8.94
CA ASN A 77 23.34 -24.10 8.03
C ASN A 77 22.46 -25.25 8.53
N ASN A 78 23.04 -26.12 9.35
CA ASN A 78 22.37 -27.33 9.81
C ASN A 78 21.81 -27.24 11.23
N ILE A 79 22.03 -26.09 11.88
CA ILE A 79 21.39 -25.80 13.16
C ILE A 79 20.30 -24.77 12.89
N PRO A 80 19.03 -25.23 12.81
CA PRO A 80 17.90 -24.39 12.40
C PRO A 80 17.78 -23.07 13.17
N PHE A 81 18.13 -23.08 14.46
CA PHE A 81 18.07 -21.89 15.30
C PHE A 81 19.12 -20.85 14.90
N LEU A 82 20.32 -21.30 14.54
CA LEU A 82 21.39 -20.40 14.12
C LEU A 82 21.14 -19.85 12.72
N ARG A 83 20.75 -20.73 11.80
CA ARG A 83 20.40 -20.34 10.43
C ARG A 83 19.35 -19.24 10.45
N SER A 84 18.28 -19.43 11.22
CA SER A 84 17.21 -18.45 11.38
C SER A 84 17.70 -17.11 11.93
N LEU A 85 18.57 -17.16 12.93
CA LEU A 85 19.14 -15.96 13.54
C LEU A 85 19.94 -15.14 12.53
N ILE A 86 20.86 -15.80 11.82
CA ILE A 86 21.68 -15.14 10.79
C ILE A 86 20.78 -14.54 9.70
N MET A 87 19.83 -15.32 9.21
CA MET A 87 18.89 -14.85 8.19
C MET A 87 18.04 -13.67 8.67
N LYS A 88 17.63 -13.70 9.94
CA LYS A 88 16.89 -12.60 10.55
C LYS A 88 17.74 -11.32 10.52
N TYR A 89 19.03 -11.47 10.84
CA TYR A 89 19.98 -10.36 10.76
C TYR A 89 20.13 -9.86 9.32
N VAL A 90 20.34 -10.79 8.39
CA VAL A 90 20.46 -10.46 6.96
C VAL A 90 19.25 -9.61 6.51
N LEU A 91 18.05 -10.06 6.85
CA LEU A 91 16.84 -9.35 6.46
C LEU A 91 16.75 -7.95 7.07
N THR A 92 17.00 -7.84 8.38
CA THR A 92 16.82 -6.57 9.09
C THR A 92 17.92 -5.55 8.85
N SER A 93 19.15 -6.02 8.63
CA SER A 93 20.27 -5.13 8.31
C SER A 93 20.07 -4.38 6.99
N ARG A 94 19.26 -4.95 6.11
CA ARG A 94 19.06 -4.40 4.76
C ARG A 94 17.70 -3.72 4.59
N SER A 95 16.82 -3.86 5.59
CA SER A 95 15.47 -3.29 5.48
C SER A 95 15.43 -1.77 5.65
N TYR A 96 16.18 -1.26 6.63
CA TYR A 96 16.14 0.15 7.03
C TYR A 96 16.61 1.16 5.96
N LEU A 97 17.10 0.65 4.83
CA LEU A 97 17.66 1.49 3.76
C LEU A 97 16.64 2.00 2.73
N ILE A 98 15.44 1.43 2.72
CA ILE A 98 14.46 1.79 1.72
C ILE A 98 13.35 2.63 2.36
N ASP A 99 13.04 3.78 1.77
CA ASP A 99 11.90 4.58 2.24
C ASP A 99 10.61 3.83 1.99
N SER A 100 9.87 3.55 3.06
CA SER A 100 8.65 2.78 2.92
C SER A 100 7.68 3.12 4.04
N PRO A 101 6.56 3.82 3.73
CA PRO A 101 6.03 4.32 2.44
C PRO A 101 7.05 5.11 1.60
N PRO A 102 6.93 5.05 0.27
CA PRO A 102 7.94 5.64 -0.60
C PRO A 102 7.82 7.16 -0.67
N THR A 103 8.87 7.79 -1.17
CA THR A 103 8.98 9.25 -1.15
C THR A 103 9.07 9.85 -2.56
N TYR A 104 10.29 10.05 -3.06
CA TYR A 104 10.52 10.83 -4.29
C TYR A 104 10.18 10.09 -5.58
N ASN A 105 10.04 10.85 -6.65
CA ASN A 105 10.04 10.28 -8.00
C ASN A 105 10.69 11.22 -8.99
N VAL A 106 10.64 10.87 -10.28
CA VAL A 106 11.26 11.67 -11.32
C VAL A 106 10.78 13.13 -11.31
N HIS A 107 9.52 13.37 -10.94
CA HIS A 107 8.98 14.73 -10.96
C HIS A 107 8.99 15.40 -9.60
N TYR A 108 9.34 14.68 -8.53
CA TYR A 108 9.23 15.24 -7.20
C TYR A 108 10.49 15.05 -6.37
N GLY A 109 11.24 16.13 -6.21
CA GLY A 109 12.43 16.13 -5.36
C GLY A 109 12.12 16.43 -3.91
N TYR A 110 10.84 16.58 -3.61
CA TYR A 110 10.36 16.77 -2.24
C TYR A 110 9.17 15.85 -2.11
N LYS A 111 8.83 15.48 -0.89
CA LYS A 111 7.68 14.61 -0.62
C LYS A 111 6.38 15.29 -1.00
N SER A 112 5.47 14.53 -1.61
CA SER A 112 4.17 15.07 -2.00
C SER A 112 3.16 13.96 -2.06
N TRP A 113 1.89 14.33 -1.85
CA TRP A 113 0.81 13.37 -2.01
C TRP A 113 0.78 12.81 -3.43
N GLU A 114 1.16 13.61 -4.42
CA GLU A 114 1.19 13.13 -5.80
C GLU A 114 2.24 12.02 -5.98
N ALA A 115 3.44 12.22 -5.43
CA ALA A 115 4.49 11.21 -5.50
C ALA A 115 4.12 9.98 -4.69
N PHE A 116 3.52 10.16 -3.51
CA PHE A 116 3.08 9.01 -2.72
C PHE A 116 1.99 8.19 -3.42
N SER A 117 0.96 8.87 -3.91
CA SER A 117 -0.27 8.20 -4.34
C SER A 117 -0.26 7.69 -5.78
N ASN A 118 0.57 8.27 -6.63
CA ASN A 118 0.52 7.94 -8.06
C ASN A 118 1.36 6.71 -8.37
N LEU A 119 0.68 5.57 -8.56
CA LEU A 119 1.34 4.27 -8.71
C LEU A 119 2.02 4.09 -10.07
N SER A 120 1.68 4.98 -11.01
CA SER A 120 2.26 5.00 -12.37
C SER A 120 3.74 5.39 -12.45
N TYR A 121 4.26 6.03 -11.40
CA TYR A 121 5.68 6.34 -11.32
C TYR A 121 6.50 5.20 -10.66
N TYR A 122 7.71 4.97 -11.17
CA TYR A 122 8.72 4.31 -10.36
C TYR A 122 9.08 5.28 -9.25
N THR A 123 9.36 4.78 -8.05
CA THR A 123 9.79 5.65 -6.97
C THR A 123 11.31 5.94 -7.11
N ARG A 124 11.85 6.79 -6.26
CA ARG A 124 13.26 7.16 -6.31
C ARG A 124 13.93 7.10 -4.94
N ALA A 125 15.05 6.39 -4.89
CA ALA A 125 15.87 6.30 -3.68
C ALA A 125 16.57 7.62 -3.39
N LEU A 126 16.99 8.31 -4.46
CA LEU A 126 17.48 9.68 -4.36
C LEU A 126 16.63 10.57 -5.25
N PRO A 127 16.33 11.80 -4.77
CA PRO A 127 15.57 12.75 -5.57
C PRO A 127 16.36 13.16 -6.81
N PRO A 128 15.65 13.59 -7.86
CA PRO A 128 16.37 14.01 -9.05
C PRO A 128 17.10 15.31 -8.82
N VAL A 129 18.21 15.50 -9.53
CA VAL A 129 18.88 16.78 -9.59
C VAL A 129 17.88 17.81 -10.11
N ALA A 130 17.81 18.97 -9.44
CA ALA A 130 16.89 20.03 -9.83
C ALA A 130 17.14 20.49 -11.27
N ASP A 131 16.07 20.93 -11.94
CA ASP A 131 16.14 21.36 -13.34
C ASP A 131 17.14 22.49 -13.62
N ASP A 132 17.28 23.44 -12.70
CA ASP A 132 18.11 24.62 -12.94
C ASP A 132 19.57 24.53 -12.49
N CYS A 133 19.98 23.35 -12.01
CA CYS A 133 21.35 23.13 -11.54
C CYS A 133 22.38 23.44 -12.63
N PRO A 134 23.51 24.05 -12.25
CA PRO A 134 24.52 24.46 -13.24
C PRO A 134 25.13 23.29 -14.00
N THR A 135 25.29 22.14 -13.34
CA THR A 135 25.79 20.93 -14.01
C THR A 135 24.79 19.77 -13.89
N PRO A 136 24.95 18.72 -14.73
CA PRO A 136 24.05 17.56 -14.68
C PRO A 136 24.04 16.83 -13.34
N MET A 137 25.20 16.76 -12.68
CA MET A 137 25.30 16.11 -11.38
C MET A 137 25.07 17.06 -10.21
N GLY A 138 24.78 18.31 -10.53
CA GLY A 138 24.53 19.33 -9.51
C GLY A 138 25.37 20.56 -9.76
N VAL A 139 26.51 20.65 -9.08
CA VAL A 139 27.45 21.75 -9.26
C VAL A 139 28.85 21.28 -9.74
N LYS A 140 29.08 19.97 -9.69
CA LYS A 140 30.40 19.40 -10.01
C LYS A 140 30.53 18.91 -11.45
N GLY A 141 31.78 18.81 -11.92
CA GLY A 141 32.07 18.36 -13.27
C GLY A 141 31.79 19.39 -14.36
N ASN A 142 31.86 18.93 -15.61
CA ASN A 142 31.64 19.78 -16.78
C ASN A 142 30.16 20.10 -17.00
N LYS A 143 29.91 21.04 -17.91
CA LYS A 143 28.57 21.53 -18.24
C LYS A 143 27.72 20.44 -18.89
N GLU A 144 28.39 19.52 -19.56
CA GLU A 144 27.75 18.36 -20.16
C GLU A 144 28.51 17.15 -19.68
N LEU A 145 27.79 16.05 -19.48
CA LEU A 145 28.40 14.75 -19.26
C LEU A 145 29.04 14.28 -20.57
N PRO A 146 29.98 13.32 -20.48
CA PRO A 146 30.59 12.83 -21.70
C PRO A 146 29.57 12.13 -22.59
N ASP A 147 29.78 12.23 -23.91
CA ASP A 147 29.00 11.50 -24.90
C ASP A 147 28.75 10.06 -24.43
N SER A 148 27.50 9.64 -24.47
CA SER A 148 27.14 8.30 -23.97
C SER A 148 27.64 7.18 -24.87
N LYS A 149 27.64 7.41 -26.18
CA LYS A 149 28.17 6.43 -27.14
C LYS A 149 29.65 6.20 -26.89
N GLU A 150 30.36 7.26 -26.52
CA GLU A 150 31.78 7.16 -26.20
C GLU A 150 32.04 6.36 -24.93
N VAL A 151 31.24 6.59 -23.89
CA VAL A 151 31.37 5.86 -22.63
C VAL A 151 31.13 4.38 -22.92
N LEU A 152 30.03 4.14 -23.61
CA LEU A 152 29.62 2.81 -24.04
C LEU A 152 30.77 2.08 -24.75
N GLU A 153 31.25 2.67 -25.84
CA GLU A 153 32.28 2.06 -26.69
C GLU A 153 33.60 1.84 -25.95
N LYS A 154 34.00 2.80 -25.12
CA LYS A 154 35.30 2.73 -24.47
C LYS A 154 35.36 1.77 -23.28
N VAL A 155 34.30 1.72 -22.47
CA VAL A 155 34.35 0.94 -21.23
C VAL A 155 33.27 -0.15 -21.08
N LEU A 156 32.26 -0.14 -21.96
CA LEU A 156 31.13 -1.07 -21.79
C LEU A 156 31.04 -2.21 -22.78
N LEU A 157 31.29 -1.92 -24.07
CA LEU A 157 31.09 -2.92 -25.12
C LEU A 157 32.07 -4.08 -25.02
N ARG A 158 31.56 -5.27 -25.35
CA ARG A 158 32.34 -6.51 -25.32
C ARG A 158 33.39 -6.52 -26.44
N ARG A 159 34.65 -6.71 -26.06
CA ARG A 159 35.70 -7.00 -27.04
C ARG A 159 35.73 -8.51 -27.25
N GLU A 160 35.94 -9.22 -26.15
CA GLU A 160 35.93 -10.67 -26.11
C GLU A 160 35.02 -11.06 -24.97
N PHE A 161 34.26 -12.14 -25.15
CA PHE A 161 33.35 -12.66 -24.14
C PHE A 161 34.07 -12.97 -22.83
N ILE A 162 33.64 -12.30 -21.76
CA ILE A 162 34.12 -12.59 -20.41
C ILE A 162 33.09 -13.43 -19.65
N PRO A 163 33.37 -14.74 -19.48
CA PRO A 163 32.44 -15.61 -18.75
C PRO A 163 32.36 -15.23 -17.27
N ASP A 164 31.20 -15.43 -16.67
CA ASP A 164 31.05 -15.21 -15.24
C ASP A 164 31.84 -16.25 -14.44
N PRO A 165 32.79 -15.79 -13.58
CA PRO A 165 33.57 -16.71 -12.75
C PRO A 165 32.75 -17.39 -11.64
N GLN A 166 31.56 -16.87 -11.34
CA GLN A 166 30.63 -17.56 -10.43
C GLN A 166 29.85 -18.68 -11.11
N GLY A 167 30.00 -18.80 -12.43
CA GLY A 167 29.40 -19.91 -13.15
C GLY A 167 27.92 -19.75 -13.48
N SER A 168 27.39 -18.53 -13.33
CA SER A 168 26.00 -18.25 -13.74
C SER A 168 25.74 -18.75 -15.16
N ASN A 169 24.62 -19.45 -15.34
CA ASN A 169 24.28 -20.02 -16.64
C ASN A 169 23.10 -19.31 -17.31
N MET A 170 22.66 -19.85 -18.45
CA MET A 170 21.53 -19.27 -19.18
C MET A 170 20.18 -19.52 -18.49
N MET A 171 20.09 -20.59 -17.68
CA MET A 171 18.90 -20.77 -16.85
C MET A 171 18.76 -19.59 -15.89
N PHE A 172 19.89 -19.16 -15.31
CA PHE A 172 19.90 -18.00 -14.42
C PHE A 172 19.59 -16.73 -15.19
N ALA A 173 20.29 -16.51 -16.30
CA ALA A 173 20.14 -15.28 -17.09
C ALA A 173 18.69 -15.08 -17.52
N PHE A 174 18.07 -16.15 -18.02
CA PHE A 174 16.69 -16.04 -18.48
C PHE A 174 15.70 -15.97 -17.33
N PHE A 175 16.05 -16.56 -16.19
CA PHE A 175 15.20 -16.44 -15.01
C PHE A 175 15.22 -15.00 -14.52
N ALA A 176 16.41 -14.37 -14.53
CA ALA A 176 16.56 -12.98 -14.16
C ALA A 176 15.64 -12.11 -15.03
N GLN A 177 15.65 -12.36 -16.32
CA GLN A 177 14.88 -11.53 -17.24
C GLN A 177 13.38 -11.74 -17.06
N HIS A 178 12.96 -13.01 -17.02
CA HIS A 178 11.56 -13.38 -16.83
C HIS A 178 10.99 -12.81 -15.53
N PHE A 179 11.68 -13.09 -14.42
CA PHE A 179 11.23 -12.69 -13.09
C PHE A 179 11.09 -11.17 -12.92
N THR A 180 12.12 -10.42 -13.31
CA THR A 180 12.15 -8.96 -13.12
C THR A 180 11.18 -8.21 -14.03
N HIS A 181 10.81 -8.81 -15.15
CA HIS A 181 9.93 -8.14 -16.09
C HIS A 181 8.45 -8.14 -15.70
N GLN A 182 8.13 -8.67 -14.52
CA GLN A 182 6.79 -8.45 -13.94
C GLN A 182 6.74 -7.11 -13.22
N PHE A 183 7.90 -6.61 -12.78
CA PHE A 183 7.93 -5.36 -12.03
C PHE A 183 8.78 -4.24 -12.63
N PHE A 184 9.57 -4.55 -13.66
CA PHE A 184 10.16 -3.51 -14.50
C PHE A 184 9.41 -3.52 -15.82
N LYS A 185 8.42 -2.64 -15.95
CA LYS A 185 7.59 -2.57 -17.17
C LYS A 185 7.41 -1.10 -17.51
N THR A 186 8.46 -0.53 -18.09
CA THR A 186 8.52 0.90 -18.31
C THR A 186 7.49 1.33 -19.32
N ASP A 187 6.71 2.35 -18.95
CA ASP A 187 5.66 2.90 -19.81
C ASP A 187 6.29 3.96 -20.71
N HIS A 188 6.86 3.52 -21.82
CA HIS A 188 7.61 4.41 -22.73
C HIS A 188 6.74 5.53 -23.32
N LYS A 189 5.43 5.29 -23.41
CA LYS A 189 4.48 6.34 -23.81
C LYS A 189 4.61 7.58 -22.91
N ARG A 190 4.70 7.35 -21.60
CA ARG A 190 4.81 8.42 -20.61
C ARG A 190 6.25 8.89 -20.39
N GLY A 191 7.19 7.95 -20.39
CA GLY A 191 8.58 8.26 -20.08
C GLY A 191 9.26 7.20 -19.23
N PRO A 192 10.60 7.26 -19.14
CA PRO A 192 11.39 6.23 -18.46
C PRO A 192 11.15 6.15 -16.94
N GLY A 193 10.63 7.22 -16.35
CA GLY A 193 10.30 7.26 -14.92
C GLY A 193 8.93 6.70 -14.57
N PHE A 194 8.22 6.17 -15.57
CA PHE A 194 6.88 5.61 -15.37
C PHE A 194 6.85 4.12 -15.59
N THR A 195 6.01 3.43 -14.83
CA THR A 195 5.85 2.00 -14.94
C THR A 195 4.41 1.58 -15.29
N ARG A 196 4.28 0.39 -15.87
CA ARG A 196 2.98 -0.20 -16.17
C ARG A 196 2.62 -1.28 -15.15
N GLY A 197 3.59 -1.64 -14.29
CA GLY A 197 3.39 -2.64 -13.26
C GLY A 197 2.93 -2.01 -11.96
N LEU A 198 1.62 -1.81 -11.86
CA LEU A 198 1.01 -1.05 -10.76
C LEU A 198 0.94 -1.84 -9.45
N GLY A 199 1.18 -3.16 -9.54
CA GLY A 199 1.34 -3.96 -8.33
C GLY A 199 2.67 -3.74 -7.62
N HIS A 200 3.63 -3.11 -8.30
CA HIS A 200 4.94 -2.80 -7.69
C HIS A 200 5.63 -3.95 -6.93
N GLY A 201 5.66 -5.12 -7.57
CA GLY A 201 6.35 -6.26 -6.98
C GLY A 201 5.98 -7.60 -7.57
N VAL A 202 6.07 -8.61 -6.73
CA VAL A 202 5.90 -9.98 -7.16
C VAL A 202 4.42 -10.38 -7.10
N ASP A 203 3.67 -9.94 -8.10
CA ASP A 203 2.26 -10.30 -8.22
C ASP A 203 2.02 -11.32 -9.32
N LEU A 204 3.08 -11.67 -10.06
CA LEU A 204 3.00 -12.63 -11.18
C LEU A 204 2.08 -12.18 -12.31
N ASN A 205 2.00 -10.87 -12.51
CA ASN A 205 1.29 -10.31 -13.64
C ASN A 205 1.90 -10.76 -14.97
N HIS A 206 3.18 -11.15 -14.93
CA HIS A 206 3.86 -11.63 -16.14
C HIS A 206 3.36 -12.99 -16.60
N ILE A 207 2.59 -13.64 -15.72
CA ILE A 207 1.92 -14.90 -16.03
C ILE A 207 0.42 -14.66 -16.21
N TYR A 208 -0.16 -13.87 -15.31
CA TYR A 208 -1.61 -13.75 -15.20
C TYR A 208 -2.22 -12.55 -15.92
N GLY A 209 -1.38 -11.59 -16.29
CA GLY A 209 -1.85 -10.38 -16.92
C GLY A 209 -1.98 -9.29 -15.88
N GLU A 210 -1.68 -8.07 -16.29
CA GLU A 210 -1.73 -6.91 -15.40
C GLU A 210 -3.18 -6.58 -15.04
N THR A 211 -4.07 -6.66 -16.02
CA THR A 211 -5.47 -6.28 -15.84
C THR A 211 -6.37 -7.49 -15.77
N LEU A 212 -7.53 -7.30 -15.14
CA LEU A 212 -8.55 -8.32 -15.08
C LEU A 212 -8.97 -8.76 -16.48
N ASP A 213 -9.13 -7.80 -17.39
CA ASP A 213 -9.50 -8.10 -18.78
C ASP A 213 -8.54 -9.11 -19.39
N ARG A 214 -7.24 -8.85 -19.26
CA ARG A 214 -6.21 -9.72 -19.81
C ARG A 214 -6.24 -11.09 -19.13
N GLN A 215 -6.33 -11.10 -17.80
CA GLN A 215 -6.40 -12.33 -17.02
C GLN A 215 -7.52 -13.26 -17.49
N HIS A 216 -8.71 -12.70 -17.66
CA HIS A 216 -9.89 -13.47 -18.03
C HIS A 216 -9.82 -13.99 -19.46
N LYS A 217 -9.07 -13.31 -20.31
CA LYS A 217 -8.78 -13.82 -21.65
C LYS A 217 -7.77 -14.98 -21.61
N LEU A 218 -6.96 -15.04 -20.56
CA LEU A 218 -5.93 -16.08 -20.41
C LEU A 218 -6.42 -17.31 -19.68
N ARG A 219 -7.57 -17.18 -19.01
CA ARG A 219 -8.11 -18.25 -18.18
C ARG A 219 -9.03 -19.20 -18.92
N LEU A 220 -8.99 -20.46 -18.52
CA LEU A 220 -9.84 -21.49 -19.07
C LEU A 220 -11.25 -21.44 -18.45
N PHE A 221 -11.33 -20.93 -17.22
CA PHE A 221 -12.57 -20.91 -16.41
C PHE A 221 -13.12 -22.31 -16.10
N LYS A 222 -12.22 -23.29 -16.16
CA LYS A 222 -12.48 -24.63 -15.67
C LYS A 222 -11.31 -25.05 -14.78
N ASP A 223 -11.64 -25.58 -13.61
CA ASP A 223 -10.65 -26.15 -12.68
C ASP A 223 -9.56 -25.16 -12.23
N GLY A 224 -9.83 -23.86 -12.37
CA GLY A 224 -8.90 -22.81 -11.97
C GLY A 224 -7.79 -22.54 -12.97
N LYS A 225 -7.82 -23.25 -14.09
CA LYS A 225 -6.67 -23.34 -15.00
C LYS A 225 -6.52 -22.20 -15.98
N LEU A 226 -5.30 -22.11 -16.53
CA LEU A 226 -4.99 -21.22 -17.64
C LEU A 226 -5.18 -21.97 -18.95
N LYS A 227 -5.67 -21.25 -19.96
CA LYS A 227 -5.82 -21.81 -21.31
C LYS A 227 -4.45 -22.25 -21.83
N TYR A 228 -4.45 -23.22 -22.73
CA TYR A 228 -3.22 -23.74 -23.30
C TYR A 228 -3.53 -24.45 -24.61
N GLN A 229 -2.48 -24.78 -25.35
CA GLN A 229 -2.60 -25.65 -26.51
C GLN A 229 -1.61 -26.81 -26.36
N VAL A 230 -1.90 -27.89 -27.09
CA VAL A 230 -1.08 -29.07 -27.08
C VAL A 230 -0.51 -29.21 -28.48
N ILE A 231 0.80 -29.02 -28.62
CA ILE A 231 1.49 -29.17 -29.90
C ILE A 231 2.47 -30.34 -29.80
N GLY A 232 2.31 -31.33 -30.69
CA GLY A 232 3.12 -32.54 -30.65
C GLY A 232 3.14 -33.21 -29.28
N GLY A 233 1.99 -33.18 -28.59
CA GLY A 233 1.85 -33.79 -27.27
C GLY A 233 2.38 -32.94 -26.11
N GLU A 234 2.84 -31.72 -26.41
CA GLU A 234 3.44 -30.86 -25.41
C GLU A 234 2.58 -29.62 -25.15
N VAL A 235 2.45 -29.26 -23.88
CA VAL A 235 1.61 -28.14 -23.46
C VAL A 235 2.35 -26.82 -23.63
N TYR A 236 1.75 -25.90 -24.40
CA TYR A 236 2.31 -24.57 -24.59
C TYR A 236 1.27 -23.50 -24.26
N PRO A 237 1.69 -22.23 -24.11
CA PRO A 237 0.68 -21.17 -23.95
C PRO A 237 -0.23 -21.10 -25.17
N PRO A 238 -1.44 -20.55 -25.00
CA PRO A 238 -2.37 -20.49 -26.12
C PRO A 238 -1.98 -19.38 -27.08
N THR A 239 -2.65 -19.28 -28.24
CA THR A 239 -2.28 -18.27 -29.23
C THR A 239 -2.95 -16.92 -28.97
N VAL A 240 -2.39 -15.87 -29.60
CA VAL A 240 -3.02 -14.55 -29.66
C VAL A 240 -4.40 -14.61 -30.32
N LYS A 241 -4.49 -15.33 -31.43
CA LYS A 241 -5.75 -15.55 -32.13
C LYS A 241 -6.79 -16.18 -31.20
N ASP A 242 -6.40 -17.22 -30.46
CA ASP A 242 -7.31 -17.96 -29.59
C ASP A 242 -7.85 -17.12 -28.44
N THR A 243 -6.97 -16.29 -27.86
CA THR A 243 -7.29 -15.59 -26.63
C THR A 243 -7.76 -14.15 -26.85
N GLN A 244 -7.31 -13.54 -27.93
CA GLN A 244 -7.46 -12.10 -28.17
C GLN A 244 -6.65 -11.29 -27.15
N VAL A 245 -5.62 -11.93 -26.61
CA VAL A 245 -4.63 -11.31 -25.74
C VAL A 245 -3.57 -10.66 -26.63
N GLU A 246 -3.39 -9.34 -26.46
CA GLU A 246 -2.41 -8.62 -27.26
C GLU A 246 -0.97 -8.96 -26.85
N MET A 247 -0.14 -9.25 -27.84
CA MET A 247 1.30 -9.50 -27.63
C MET A 247 2.09 -8.68 -28.64
N ILE A 248 3.36 -8.44 -28.33
CA ILE A 248 4.28 -7.78 -29.27
C ILE A 248 4.94 -8.85 -30.16
N TYR A 249 4.53 -8.89 -31.44
CA TYR A 249 5.15 -9.74 -32.44
C TYR A 249 5.30 -9.01 -33.77
N PRO A 250 6.46 -9.21 -34.44
CA PRO A 250 6.59 -8.75 -35.82
C PRO A 250 5.55 -9.46 -36.71
N PRO A 251 5.08 -8.78 -37.77
CA PRO A 251 3.96 -9.27 -38.60
C PRO A 251 4.16 -10.68 -39.19
N HIS A 252 5.40 -11.07 -39.42
CA HIS A 252 5.71 -12.32 -40.14
C HIS A 252 5.70 -13.60 -39.28
N ILE A 253 5.35 -13.48 -38.00
CA ILE A 253 5.30 -14.65 -37.11
C ILE A 253 4.00 -15.43 -37.35
N PRO A 254 4.11 -16.74 -37.66
CA PRO A 254 2.93 -17.59 -37.89
C PRO A 254 1.99 -17.61 -36.68
N GLU A 255 0.69 -17.64 -36.96
CA GLU A 255 -0.35 -17.57 -35.92
C GLU A 255 -0.08 -18.50 -34.74
N ASN A 256 0.30 -19.73 -35.06
CA ASN A 256 0.53 -20.79 -34.09
C ASN A 256 1.69 -20.53 -33.12
N LEU A 257 2.69 -19.77 -33.58
CA LEU A 257 3.83 -19.43 -32.75
C LEU A 257 3.68 -18.07 -32.08
N GLN A 258 2.52 -17.44 -32.24
CA GLN A 258 2.22 -16.20 -31.52
C GLN A 258 1.61 -16.54 -30.17
N PHE A 259 2.44 -17.04 -29.26
CA PHE A 259 2.01 -17.42 -27.91
C PHE A 259 1.57 -16.22 -27.08
N ALA A 260 0.43 -16.38 -26.41
CA ALA A 260 -0.12 -15.35 -25.55
C ALA A 260 0.12 -15.71 -24.08
N VAL A 261 0.82 -14.81 -23.39
CA VAL A 261 1.10 -14.96 -21.96
C VAL A 261 0.83 -13.64 -21.22
N GLY A 262 1.01 -13.63 -19.90
CA GLY A 262 0.71 -12.47 -19.06
C GLY A 262 1.42 -11.21 -19.51
N GLN A 263 2.71 -11.35 -19.81
CA GLN A 263 3.55 -10.24 -20.20
C GLN A 263 3.72 -10.15 -21.73
N GLU A 264 3.35 -9.00 -22.26
CA GLU A 264 3.22 -8.80 -23.71
C GLU A 264 4.52 -8.85 -24.52
N VAL A 265 5.66 -8.71 -23.84
CA VAL A 265 6.96 -8.71 -24.51
C VAL A 265 7.68 -10.07 -24.52
N PHE A 266 7.14 -11.07 -23.83
CA PHE A 266 7.81 -12.37 -23.62
C PHE A 266 7.97 -13.26 -24.87
N GLY A 267 7.34 -12.88 -25.98
CA GLY A 267 7.59 -13.54 -27.25
C GLY A 267 8.88 -13.08 -27.90
N LEU A 268 9.51 -12.05 -27.33
CA LEU A 268 10.77 -11.48 -27.83
C LEU A 268 11.88 -12.51 -27.86
N VAL A 269 11.86 -13.41 -26.87
CA VAL A 269 12.98 -14.29 -26.59
C VAL A 269 12.47 -15.69 -26.20
N PRO A 270 12.92 -16.73 -26.90
CA PRO A 270 12.50 -18.10 -26.58
C PRO A 270 12.87 -18.51 -25.16
N GLY A 271 13.93 -17.93 -24.61
CA GLY A 271 14.29 -18.14 -23.22
C GLY A 271 13.23 -17.65 -22.25
N LEU A 272 12.52 -16.58 -22.62
CA LEU A 272 11.44 -16.05 -21.79
C LEU A 272 10.20 -16.92 -21.94
N MET A 273 9.95 -17.38 -23.16
CA MET A 273 8.82 -18.25 -23.44
C MET A 273 9.00 -19.64 -22.80
N MET A 274 10.24 -20.07 -22.62
CA MET A 274 10.53 -21.32 -21.92
C MET A 274 10.02 -21.24 -20.48
N TYR A 275 10.34 -20.15 -19.79
CA TYR A 275 9.85 -19.93 -18.43
C TYR A 275 8.35 -19.64 -18.40
N ALA A 276 7.85 -18.88 -19.37
CA ALA A 276 6.41 -18.65 -19.45
C ALA A 276 5.65 -19.98 -19.53
N THR A 277 6.16 -20.91 -20.33
CA THR A 277 5.58 -22.24 -20.49
C THR A 277 5.71 -23.04 -19.20
N ILE A 278 6.88 -22.99 -18.57
CA ILE A 278 7.10 -23.73 -17.34
C ILE A 278 6.13 -23.24 -16.26
N TRP A 279 6.00 -21.93 -16.11
CA TRP A 279 5.11 -21.39 -15.09
C TRP A 279 3.63 -21.63 -15.38
N LEU A 280 3.23 -21.58 -16.65
CA LEU A 280 1.87 -21.94 -17.04
C LEU A 280 1.55 -23.38 -16.61
N ARG A 281 2.45 -24.30 -16.94
CA ARG A 281 2.31 -25.70 -16.56
C ARG A 281 2.22 -25.85 -15.05
N GLU A 282 3.08 -25.13 -14.33
CA GLU A 282 3.08 -25.14 -12.87
C GLU A 282 1.74 -24.71 -12.31
N HIS A 283 1.15 -23.66 -12.89
CA HIS A 283 -0.16 -23.20 -12.40
C HIS A 283 -1.21 -24.30 -12.57
N ASN A 284 -1.25 -24.91 -13.75
CA ASN A 284 -2.23 -25.97 -14.00
C ASN A 284 -1.98 -27.21 -13.15
N ARG A 285 -0.71 -27.49 -12.85
CA ARG A 285 -0.34 -28.61 -12.00
C ARG A 285 -0.90 -28.40 -10.59
N VAL A 286 -0.78 -27.16 -10.10
CA VAL A 286 -1.25 -26.77 -8.77
C VAL A 286 -2.77 -26.79 -8.69
N CYS A 287 -3.43 -26.42 -9.79
CA CYS A 287 -4.88 -26.56 -9.91
C CYS A 287 -5.32 -28.03 -9.74
N ASP A 288 -4.62 -28.95 -10.40
CA ASP A 288 -4.90 -30.38 -10.24
C ASP A 288 -4.77 -30.83 -8.78
N ILE A 289 -3.68 -30.41 -8.13
CA ILE A 289 -3.44 -30.79 -6.73
C ILE A 289 -4.56 -30.24 -5.84
N LEU A 290 -4.87 -28.96 -5.98
CA LEU A 290 -5.93 -28.33 -5.19
C LEU A 290 -7.31 -28.91 -5.45
N LYS A 291 -7.60 -29.24 -6.71
CA LYS A 291 -8.87 -29.89 -7.05
C LYS A 291 -9.00 -31.24 -6.34
N GLN A 292 -7.90 -31.98 -6.27
CA GLN A 292 -7.86 -33.25 -5.55
C GLN A 292 -8.12 -33.04 -4.05
N GLU A 293 -7.49 -32.02 -3.46
CA GLU A 293 -7.71 -31.65 -2.07
C GLU A 293 -9.13 -31.14 -1.83
N HIS A 294 -9.63 -30.33 -2.78
CA HIS A 294 -10.92 -29.68 -2.63
C HIS A 294 -11.84 -29.95 -3.81
N PRO A 295 -12.49 -31.14 -3.84
CA PRO A 295 -13.45 -31.40 -4.93
C PRO A 295 -14.64 -30.45 -4.86
N GLU A 296 -14.82 -29.82 -3.70
CA GLU A 296 -15.93 -28.90 -3.46
C GLU A 296 -15.66 -27.48 -3.98
N TRP A 297 -14.41 -27.16 -4.31
CA TRP A 297 -14.05 -25.82 -4.75
C TRP A 297 -14.49 -25.54 -6.19
N GLY A 298 -14.84 -24.30 -6.46
CA GLY A 298 -15.13 -23.86 -7.81
C GLY A 298 -13.90 -23.34 -8.53
N ASP A 299 -14.07 -23.02 -9.80
CA ASP A 299 -12.97 -22.52 -10.67
C ASP A 299 -12.27 -21.29 -10.11
N GLU A 300 -13.03 -20.32 -9.63
CA GLU A 300 -12.48 -19.06 -9.12
C GLU A 300 -11.55 -19.26 -7.93
N GLN A 301 -12.01 -20.00 -6.92
CA GLN A 301 -11.16 -20.24 -5.75
C GLN A 301 -9.91 -21.05 -6.12
N LEU A 302 -10.07 -22.00 -7.03
CA LEU A 302 -8.95 -22.80 -7.52
C LEU A 302 -7.90 -21.94 -8.22
N PHE A 303 -8.36 -21.03 -9.07
CA PHE A 303 -7.46 -20.12 -9.77
C PHE A 303 -6.71 -19.20 -8.80
N GLN A 304 -7.44 -18.57 -7.89
CA GLN A 304 -6.86 -17.56 -7.00
C GLN A 304 -5.86 -18.19 -6.03
N THR A 305 -6.22 -19.36 -5.51
CA THR A 305 -5.38 -20.06 -4.55
C THR A 305 -4.09 -20.55 -5.21
N SER A 306 -4.19 -21.07 -6.43
CA SER A 306 -3.03 -21.41 -7.22
C SER A 306 -2.11 -20.20 -7.45
N ARG A 307 -2.70 -19.04 -7.75
CA ARG A 307 -1.92 -17.82 -7.94
C ARG A 307 -1.11 -17.49 -6.70
N LEU A 308 -1.73 -17.57 -5.52
CA LEU A 308 -1.03 -17.27 -4.27
C LEU A 308 0.09 -18.26 -4.01
N ILE A 309 -0.15 -19.52 -4.32
CA ILE A 309 0.86 -20.56 -4.18
C ILE A 309 2.06 -20.27 -5.09
N LEU A 310 1.80 -19.93 -6.35
CA LEU A 310 2.90 -19.67 -7.29
C LEU A 310 3.69 -18.41 -6.93
N ILE A 311 3.01 -17.40 -6.40
CA ILE A 311 3.69 -16.22 -5.86
C ILE A 311 4.67 -16.67 -4.77
N GLY A 312 4.19 -17.52 -3.88
CA GLY A 312 5.00 -18.10 -2.80
C GLY A 312 6.18 -18.93 -3.30
N GLU A 313 5.91 -19.78 -4.29
CA GLU A 313 6.96 -20.55 -4.95
C GLU A 313 8.01 -19.64 -5.54
N THR A 314 7.56 -18.54 -6.16
CA THR A 314 8.46 -17.60 -6.81
C THR A 314 9.41 -16.97 -5.79
N ILE A 315 8.86 -16.48 -4.69
CA ILE A 315 9.66 -15.84 -3.66
C ILE A 315 10.63 -16.84 -3.01
N LYS A 316 10.15 -18.07 -2.78
CA LYS A 316 10.97 -19.13 -2.23
C LYS A 316 12.20 -19.38 -3.12
N ILE A 317 11.97 -19.52 -4.42
CA ILE A 317 13.02 -19.84 -5.40
C ILE A 317 13.97 -18.67 -5.55
N VAL A 318 13.43 -17.47 -5.59
CA VAL A 318 14.24 -16.26 -5.73
C VAL A 318 15.22 -16.13 -4.55
N ILE A 319 14.76 -16.41 -3.35
CA ILE A 319 15.64 -16.30 -2.19
C ILE A 319 16.65 -17.46 -2.09
N GLU A 320 16.14 -18.69 -2.11
CA GLU A 320 16.96 -19.84 -1.74
C GLU A 320 17.80 -20.42 -2.87
N ASP A 321 17.45 -20.11 -4.11
CA ASP A 321 18.22 -20.54 -5.28
C ASP A 321 18.88 -19.38 -6.05
N TYR A 322 18.08 -18.38 -6.40
CA TYR A 322 18.50 -17.28 -7.27
C TYR A 322 19.44 -16.29 -6.58
N VAL A 323 18.95 -15.64 -5.52
CA VAL A 323 19.78 -14.76 -4.68
C VAL A 323 20.91 -15.57 -4.04
N GLN A 324 20.60 -16.80 -3.63
CA GLN A 324 21.60 -17.70 -3.04
C GLN A 324 22.80 -17.88 -3.97
N HIS A 325 22.53 -18.18 -5.24
CA HIS A 325 23.58 -18.30 -6.24
C HIS A 325 24.35 -16.99 -6.42
N LEU A 326 23.62 -15.90 -6.62
CA LEU A 326 24.22 -14.58 -6.85
C LEU A 326 25.19 -14.17 -5.75
N SER A 327 24.81 -14.47 -4.51
CA SER A 327 25.51 -13.99 -3.33
C SER A 327 26.90 -14.59 -3.21
N GLY A 328 27.05 -15.84 -3.66
CA GLY A 328 28.28 -16.59 -3.45
C GLY A 328 28.45 -17.06 -2.01
N TYR A 329 27.44 -16.85 -1.17
CA TYR A 329 27.54 -17.19 0.25
C TYR A 329 27.56 -18.70 0.49
N HIS A 330 28.33 -19.10 1.51
CA HIS A 330 28.31 -20.45 2.03
C HIS A 330 27.13 -20.64 2.97
N PHE A 331 26.71 -19.54 3.60
CA PHE A 331 25.48 -19.52 4.38
C PHE A 331 24.28 -19.72 3.46
N LYS A 332 23.35 -20.58 3.90
CA LYS A 332 22.14 -20.86 3.15
C LYS A 332 21.00 -19.90 3.52
N LEU A 333 20.70 -18.97 2.62
CA LEU A 333 19.56 -18.06 2.79
C LEU A 333 18.25 -18.83 2.92
N LYS A 334 17.35 -18.30 3.73
CA LYS A 334 16.07 -18.94 3.99
C LYS A 334 14.91 -18.01 3.67
N PHE A 335 13.87 -18.54 3.02
CA PHE A 335 12.58 -17.86 2.93
C PHE A 335 11.71 -18.30 4.10
N ASP A 336 11.56 -17.41 5.07
CA ASP A 336 10.73 -17.68 6.24
C ASP A 336 10.13 -16.38 6.78
N PRO A 337 8.90 -16.04 6.32
CA PRO A 337 8.20 -14.84 6.79
C PRO A 337 8.13 -14.67 8.31
N GLU A 338 8.09 -15.79 9.05
CA GLU A 338 8.05 -15.76 10.52
C GLU A 338 9.21 -14.99 11.13
N LEU A 339 10.33 -14.95 10.42
CA LEU A 339 11.52 -14.24 10.87
C LEU A 339 11.28 -12.74 11.11
N LEU A 340 10.22 -12.20 10.50
CA LEU A 340 9.92 -10.78 10.62
C LEU A 340 8.76 -10.45 11.57
N PHE A 341 8.04 -11.48 12.03
CA PHE A 341 6.84 -11.27 12.87
C PHE A 341 7.06 -10.51 14.20
N ASN A 342 8.29 -10.55 14.72
CA ASN A 342 8.63 -9.80 15.93
C ASN A 342 9.44 -8.56 15.63
N GLN A 343 9.59 -8.26 14.34
CA GLN A 343 10.36 -7.12 13.88
C GLN A 343 9.45 -6.03 13.35
N GLN A 344 9.98 -4.81 13.30
CA GLN A 344 9.33 -3.73 12.60
C GLN A 344 9.65 -3.88 11.11
N PHE A 345 8.60 -3.90 10.30
CA PHE A 345 8.72 -4.13 8.86
C PHE A 345 7.40 -3.76 8.20
N GLN A 346 7.50 -3.05 7.08
CA GLN A 346 6.35 -2.61 6.30
C GLN A 346 6.06 -3.60 5.18
N TYR A 347 4.88 -4.24 5.22
CA TYR A 347 4.45 -5.14 4.16
C TYR A 347 3.87 -4.36 2.98
N GLN A 348 4.77 -3.72 2.25
CA GLN A 348 4.44 -2.95 1.07
C GLN A 348 5.72 -2.67 0.31
N ASN A 349 5.58 -2.36 -0.97
CA ASN A 349 6.73 -2.05 -1.80
C ASN A 349 6.33 -1.12 -2.94
N ARG A 350 7.28 -0.29 -3.35
CA ARG A 350 7.14 0.54 -4.53
C ARG A 350 8.45 0.39 -5.29
N ILE A 351 8.36 0.04 -6.57
CA ILE A 351 9.55 -0.28 -7.37
C ILE A 351 10.35 1.00 -7.65
N ALA A 352 11.64 0.97 -7.30
CA ALA A 352 12.51 2.11 -7.47
C ALA A 352 13.12 2.14 -8.86
N SER A 353 13.12 3.31 -9.47
CA SER A 353 13.74 3.53 -10.76
C SER A 353 15.18 3.03 -10.76
N GLU A 354 15.93 3.35 -9.70
CA GLU A 354 17.34 2.94 -9.61
C GLU A 354 17.49 1.43 -9.54
N PHE A 355 16.50 0.75 -8.97
CA PHE A 355 16.48 -0.72 -8.95
C PHE A 355 16.36 -1.24 -10.38
N ASN A 356 15.46 -0.63 -11.16
CA ASN A 356 15.35 -0.92 -12.59
C ASN A 356 16.71 -0.73 -13.26
N THR A 357 17.34 0.42 -13.05
CA THR A 357 18.60 0.76 -13.70
C THR A 357 19.75 -0.20 -13.37
N LEU A 358 19.93 -0.52 -12.09
CA LEU A 358 20.99 -1.45 -11.69
C LEU A 358 20.80 -2.85 -12.30
N TYR A 359 19.54 -3.20 -12.60
CA TYR A 359 19.20 -4.52 -13.11
C TYR A 359 19.38 -4.69 -14.62
N HIS A 360 19.99 -3.71 -15.28
CA HIS A 360 20.25 -3.85 -16.71
C HIS A 360 21.51 -4.70 -16.94
N TRP A 361 21.34 -6.00 -16.69
CA TRP A 361 22.45 -6.95 -16.71
C TRP A 361 22.69 -7.55 -18.09
N HIS A 362 22.78 -6.69 -19.11
CA HIS A 362 22.96 -7.23 -20.43
CA HIS A 362 23.02 -7.09 -20.50
C HIS A 362 24.31 -7.93 -20.68
N PRO A 363 25.36 -7.63 -19.89
CA PRO A 363 26.56 -8.46 -20.04
C PRO A 363 26.36 -9.97 -19.84
N LEU A 364 25.31 -10.35 -19.10
CA LEU A 364 24.96 -11.78 -18.94
C LEU A 364 24.81 -12.51 -20.26
N LEU A 365 24.31 -11.80 -21.27
CA LEU A 365 24.01 -12.40 -22.57
C LEU A 365 25.28 -12.89 -23.30
N PRO A 366 25.23 -14.14 -23.80
CA PRO A 366 26.34 -14.74 -24.54
C PRO A 366 26.40 -14.19 -25.98
N ASP A 367 27.46 -14.52 -26.71
CA ASP A 367 27.54 -14.15 -28.13
C ASP A 367 26.55 -14.94 -29.00
N THR A 368 26.33 -16.21 -28.63
CA THR A 368 25.40 -17.10 -29.33
C THR A 368 24.59 -17.92 -28.34
N PHE A 369 23.39 -18.33 -28.74
CA PHE A 369 22.54 -19.14 -27.88
C PHE A 369 22.64 -20.59 -28.31
N ASN A 370 23.32 -21.38 -27.47
CA ASN A 370 23.71 -22.74 -27.81
C ASN A 370 22.70 -23.75 -27.29
N ILE A 371 21.89 -24.28 -28.20
CA ILE A 371 20.91 -25.30 -27.86
C ILE A 371 21.18 -26.57 -28.66
N GLU A 372 21.32 -27.68 -27.95
CA GLU A 372 21.66 -28.97 -28.54
C GLU A 372 22.97 -28.85 -29.33
N ASP A 373 22.92 -29.09 -30.64
CA ASP A 373 24.11 -28.98 -31.49
C ASP A 373 24.19 -27.64 -32.23
N GLN A 374 23.17 -26.81 -32.06
CA GLN A 374 23.03 -25.57 -32.79
C GLN A 374 23.59 -24.37 -32.02
N GLU A 375 24.06 -23.37 -32.76
CA GLU A 375 24.50 -22.12 -32.18
C GLU A 375 23.79 -20.97 -32.88
N TYR A 376 22.84 -20.35 -32.17
CA TYR A 376 21.99 -19.31 -32.75
C TYR A 376 22.52 -17.91 -32.46
N SER A 377 22.60 -17.09 -33.49
CA SER A 377 22.93 -15.67 -33.32
C SER A 377 21.74 -14.97 -32.68
N PHE A 378 21.96 -13.75 -32.19
CA PHE A 378 20.88 -12.90 -31.68
C PHE A 378 19.73 -12.75 -32.69
N LYS A 379 20.09 -12.51 -33.95
CA LYS A 379 19.11 -12.31 -35.02
C LYS A 379 18.25 -13.55 -35.26
N GLN A 380 18.86 -14.73 -35.17
CA GLN A 380 18.14 -16.00 -35.32
C GLN A 380 17.30 -16.34 -34.10
N PHE A 381 17.74 -15.88 -32.93
CA PHE A 381 17.10 -16.21 -31.67
C PHE A 381 15.87 -15.33 -31.41
N LEU A 382 16.01 -14.02 -31.63
CA LEU A 382 14.93 -13.06 -31.38
C LEU A 382 13.62 -13.37 -32.12
N TYR A 383 12.52 -13.36 -31.35
CA TYR A 383 11.16 -13.60 -31.84
C TYR A 383 10.96 -14.96 -32.53
N ASN A 384 11.77 -15.94 -32.16
CA ASN A 384 11.77 -17.23 -32.83
C ASN A 384 11.37 -18.38 -31.92
N ASN A 385 10.06 -18.56 -31.76
CA ASN A 385 9.53 -19.61 -30.90
C ASN A 385 9.58 -21.01 -31.53
N SER A 386 9.89 -21.09 -32.81
CA SER A 386 10.02 -22.40 -33.46
C SER A 386 11.26 -23.15 -32.93
N ILE A 387 12.27 -22.39 -32.53
CA ILE A 387 13.43 -22.95 -31.82
C ILE A 387 12.97 -23.71 -30.57
N LEU A 388 12.11 -23.10 -29.77
CA LEU A 388 11.56 -23.74 -28.58
C LEU A 388 10.81 -25.03 -28.93
N LEU A 389 9.98 -24.97 -29.98
CA LEU A 389 9.21 -26.13 -30.39
C LEU A 389 10.06 -27.24 -30.98
N GLU A 390 11.02 -26.88 -31.82
CA GLU A 390 11.89 -27.84 -32.48
C GLU A 390 12.70 -28.65 -31.47
N HIS A 391 13.29 -27.94 -30.50
CA HIS A 391 14.17 -28.56 -29.52
C HIS A 391 13.39 -29.11 -28.34
N GLY A 392 12.32 -28.42 -27.96
CA GLY A 392 11.52 -28.78 -26.80
C GLY A 392 12.10 -28.27 -25.51
N LEU A 393 11.28 -28.25 -24.45
CA LEU A 393 11.69 -27.73 -23.15
C LEU A 393 12.80 -28.53 -22.45
N THR A 394 12.83 -29.85 -22.65
CA THR A 394 13.86 -30.68 -22.03
C THR A 394 15.25 -30.26 -22.54
N GLN A 395 15.40 -30.17 -23.86
CA GLN A 395 16.67 -29.73 -24.45
C GLN A 395 17.03 -28.29 -24.10
N PHE A 396 16.03 -27.41 -24.08
CA PHE A 396 16.25 -26.04 -23.63
C PHE A 396 16.86 -26.01 -22.23
N VAL A 397 16.26 -26.75 -21.30
CA VAL A 397 16.78 -26.81 -19.92
C VAL A 397 18.20 -27.39 -19.86
N GLU A 398 18.42 -28.53 -20.54
CA GLU A 398 19.74 -29.18 -20.56
C GLU A 398 20.84 -28.29 -21.16
N SER A 399 20.49 -27.52 -22.21
CA SER A 399 21.45 -26.67 -22.90
C SER A 399 21.75 -25.40 -22.11
N PHE A 400 20.69 -24.75 -21.64
CA PHE A 400 20.84 -23.54 -20.87
C PHE A 400 21.49 -23.76 -19.51
N THR A 401 21.32 -24.94 -18.94
CA THR A 401 21.99 -25.28 -17.68
C THR A 401 23.51 -25.37 -17.87
N ARG A 402 23.93 -25.84 -19.04
CA ARG A 402 25.35 -26.00 -19.33
C ARG A 402 26.07 -24.78 -19.94
N GLN A 403 25.31 -23.83 -20.49
CA GLN A 403 25.92 -22.66 -21.14
C GLN A 403 26.18 -21.52 -20.16
N ILE A 404 27.45 -21.11 -20.05
CA ILE A 404 27.84 -20.04 -19.12
C ILE A 404 27.39 -18.66 -19.60
N ALA A 405 27.06 -17.80 -18.64
CA ALA A 405 26.65 -16.43 -18.89
C ALA A 405 27.86 -15.51 -18.71
N GLY A 406 27.70 -14.26 -19.14
CA GLY A 406 28.76 -13.26 -19.03
C GLY A 406 28.84 -12.56 -17.68
N ARG A 407 30.03 -12.09 -17.36
CA ARG A 407 30.27 -11.34 -16.14
C ARG A 407 29.68 -9.93 -16.30
N VAL A 408 29.05 -9.42 -15.25
CA VAL A 408 28.36 -8.13 -15.29
C VAL A 408 29.28 -6.99 -14.93
N ALA A 409 29.93 -7.08 -13.76
CA ALA A 409 30.96 -6.12 -13.37
C ALA A 409 32.25 -6.39 -14.14
N GLY A 410 33.26 -5.55 -13.94
CA GLY A 410 34.58 -5.79 -14.54
C GLY A 410 34.84 -5.05 -15.85
N GLY A 411 33.78 -4.50 -16.43
CA GLY A 411 33.91 -3.71 -17.65
C GLY A 411 33.93 -4.50 -18.95
N ARG A 412 33.64 -3.79 -20.04
CA ARG A 412 33.79 -4.28 -21.41
C ARG A 412 33.20 -5.65 -21.66
N ASN A 413 31.92 -5.79 -21.39
CA ASN A 413 31.27 -7.09 -21.60
C ASN A 413 29.81 -7.00 -22.06
N VAL A 414 29.40 -5.83 -22.53
CA VAL A 414 28.06 -5.67 -23.12
C VAL A 414 28.11 -6.12 -24.58
N PRO A 415 27.33 -7.15 -24.94
CA PRO A 415 27.36 -7.60 -26.34
C PRO A 415 26.85 -6.50 -27.26
N ILE A 416 27.51 -6.36 -28.41
CA ILE A 416 27.21 -5.29 -29.37
C ILE A 416 25.77 -5.37 -29.89
N ALA A 417 25.20 -6.57 -29.89
CA ALA A 417 23.82 -6.78 -30.31
C ALA A 417 22.82 -5.93 -29.51
N VAL A 418 23.17 -5.63 -28.25
CA VAL A 418 22.31 -4.82 -27.38
C VAL A 418 22.94 -3.49 -26.96
N GLN A 419 23.86 -2.97 -27.79
CA GLN A 419 24.56 -1.72 -27.49
C GLN A 419 23.59 -0.55 -27.34
N ALA A 420 22.54 -0.53 -28.16
CA ALA A 420 21.50 0.50 -28.12
C ALA A 420 20.70 0.48 -26.82
N VAL A 421 20.48 -0.72 -26.28
CA VAL A 421 19.82 -0.87 -24.98
C VAL A 421 20.70 -0.28 -23.88
N ALA A 422 21.99 -0.63 -23.89
CA ALA A 422 22.95 -0.13 -22.91
C ALA A 422 23.16 1.38 -23.04
N LYS A 423 23.15 1.92 -24.26
CA LYS A 423 23.21 3.37 -24.45
C LYS A 423 21.95 4.04 -23.87
N ALA A 424 20.80 3.39 -24.02
CA ALA A 424 19.52 3.91 -23.50
C ALA A 424 19.50 3.98 -21.98
N SER A 425 20.15 3.03 -21.31
CA SER A 425 20.26 3.06 -19.84
C SER A 425 20.97 4.33 -19.37
N ILE A 426 22.06 4.69 -20.05
CA ILE A 426 22.80 5.91 -19.74
C ILE A 426 21.94 7.13 -20.06
N ASP A 427 21.42 7.18 -21.28
CA ASP A 427 20.62 8.31 -21.76
C ASP A 427 19.38 8.57 -20.89
N GLN A 428 18.65 7.51 -20.55
CA GLN A 428 17.46 7.63 -19.70
C GLN A 428 17.79 8.04 -18.26
N SER A 429 18.91 7.54 -17.72
CA SER A 429 19.43 7.96 -16.41
C SER A 429 19.60 9.48 -16.35
N ARG A 430 20.19 10.03 -17.40
CA ARG A 430 20.45 11.47 -17.48
C ARG A 430 19.16 12.25 -17.67
N GLU A 431 18.24 11.67 -18.46
CA GLU A 431 16.94 12.24 -18.67
C GLU A 431 16.13 12.29 -17.37
N MET A 432 16.32 11.29 -16.51
CA MET A 432 15.66 11.21 -15.21
C MET A 432 16.45 11.94 -14.11
N LYS A 433 17.52 12.62 -14.53
CA LYS A 433 18.32 13.47 -13.65
CA LYS A 433 18.34 13.46 -13.67
C LYS A 433 18.84 12.71 -12.42
N TYR A 434 19.42 11.54 -12.66
CA TYR A 434 20.02 10.74 -11.62
C TYR A 434 21.18 11.47 -11.01
N GLN A 435 21.29 11.37 -9.69
CA GLN A 435 22.48 11.82 -9.00
C GLN A 435 23.67 10.89 -9.34
N SER A 436 24.87 11.29 -8.94
CA SER A 436 26.09 10.53 -9.28
C SER A 436 26.21 9.19 -8.55
N LEU A 437 27.16 8.36 -9.02
CA LEU A 437 27.51 7.11 -8.38
C LEU A 437 27.81 7.31 -6.90
N ASN A 438 28.66 8.28 -6.60
CA ASN A 438 29.09 8.51 -5.23
C ASN A 438 27.96 9.00 -4.31
N GLU A 439 27.01 9.74 -4.86
CA GLU A 439 25.82 10.10 -4.11
C GLU A 439 25.01 8.86 -3.75
N TYR A 440 24.87 7.94 -4.71
CA TYR A 440 24.19 6.66 -4.44
C TYR A 440 24.95 5.80 -3.45
N ARG A 441 26.28 5.79 -3.57
CA ARG A 441 27.10 5.06 -2.61
C ARG A 441 26.85 5.54 -1.18
N LYS A 442 26.87 6.86 -0.98
CA LYS A 442 26.61 7.45 0.34
C LYS A 442 25.21 7.13 0.85
N ARG A 443 24.26 7.10 -0.09
CA ARG A 443 22.85 6.82 0.19
C ARG A 443 22.68 5.42 0.80
N PHE A 444 23.52 4.48 0.36
CA PHE A 444 23.45 3.11 0.84
C PHE A 444 24.62 2.75 1.75
N SER A 445 25.12 3.77 2.46
CA SER A 445 26.16 3.63 3.51
C SER A 445 27.48 3.09 2.99
N LEU A 446 27.82 3.44 1.77
CA LEU A 446 29.09 3.05 1.19
C LEU A 446 30.03 4.25 1.15
N LYS A 447 31.33 3.97 1.25
CA LYS A 447 32.36 4.98 1.12
C LYS A 447 32.45 5.43 -0.34
N PRO A 448 32.39 6.75 -0.59
CA PRO A 448 32.57 7.27 -1.95
C PRO A 448 33.94 6.86 -2.51
N TYR A 449 33.98 6.50 -3.79
CA TYR A 449 35.24 6.27 -4.47
C TYR A 449 36.05 7.56 -4.60
N THR A 450 37.36 7.48 -4.37
CA THR A 450 38.24 8.65 -4.40
C THR A 450 39.00 8.80 -5.72
N SER A 451 38.88 7.79 -6.59
CA SER A 451 39.49 7.84 -7.91
C SER A 451 38.80 6.86 -8.84
N PHE A 452 39.08 6.98 -10.13
CA PHE A 452 38.58 6.04 -11.12
C PHE A 452 39.27 4.68 -11.01
N GLU A 453 40.56 4.71 -10.69
CA GLU A 453 41.34 3.51 -10.45
C GLU A 453 40.77 2.69 -9.29
N GLU A 454 40.36 3.37 -8.22
CA GLU A 454 39.69 2.70 -7.10
C GLU A 454 38.37 2.02 -7.51
N LEU A 455 37.61 2.68 -8.38
CA LEU A 455 36.36 2.12 -8.89
C LEU A 455 36.58 0.84 -9.69
N THR A 456 37.48 0.90 -10.68
CA THR A 456 37.69 -0.24 -11.58
C THR A 456 38.71 -1.28 -11.08
N GLY A 457 39.57 -0.88 -10.14
CA GLY A 457 40.64 -1.75 -9.62
C GLY A 457 41.68 -2.05 -10.69
N GLU A 458 41.81 -1.13 -11.64
CA GLU A 458 42.51 -1.36 -12.90
C GLU A 458 42.96 0.01 -13.44
N LYS A 459 43.78 0.03 -14.49
CA LYS A 459 44.35 1.31 -14.97
C LYS A 459 43.82 1.85 -16.30
N GLU A 460 43.55 0.96 -17.25
CA GLU A 460 43.20 1.35 -18.63
C GLU A 460 41.81 2.01 -18.74
N MET A 461 40.76 1.28 -18.35
CA MET A 461 39.39 1.83 -18.34
C MET A 461 39.32 3.06 -17.44
N ALA A 462 40.02 3.01 -16.30
CA ALA A 462 40.06 4.11 -15.35
C ALA A 462 40.57 5.40 -15.97
N ALA A 463 41.63 5.29 -16.78
CA ALA A 463 42.18 6.44 -17.52
C ALA A 463 41.19 6.96 -18.55
N GLU A 464 40.55 6.05 -19.29
CA GLU A 464 39.54 6.45 -20.26
C GLU A 464 38.42 7.25 -19.58
N LEU A 465 37.91 6.69 -18.48
CA LEU A 465 36.83 7.31 -17.70
C LEU A 465 37.25 8.65 -17.09
N LYS A 466 38.50 8.72 -16.64
CA LYS A 466 39.08 9.95 -16.08
C LYS A 466 39.06 11.08 -17.11
N ALA A 467 39.41 10.76 -18.36
CA ALA A 467 39.40 11.74 -19.44
C ALA A 467 37.97 12.12 -19.84
N LEU A 468 37.05 11.15 -19.77
CA LEU A 468 35.64 11.38 -20.10
C LEU A 468 34.87 12.24 -19.07
N TYR A 469 35.05 11.90 -17.79
CA TYR A 469 34.24 12.49 -16.71
C TYR A 469 34.98 13.55 -15.89
N SER A 470 36.31 13.46 -15.85
CA SER A 470 37.21 14.38 -15.12
C SER A 470 37.17 14.27 -13.59
N ASP A 471 35.98 14.11 -13.02
CA ASP A 471 35.84 14.03 -11.57
C ASP A 471 35.10 12.74 -11.20
N ILE A 472 35.70 11.94 -10.32
CA ILE A 472 35.05 10.71 -9.81
C ILE A 472 33.65 10.99 -9.24
N ASP A 473 33.50 12.16 -8.61
CA ASP A 473 32.23 12.59 -8.02
C ASP A 473 31.11 12.87 -9.02
N VAL A 474 31.42 12.85 -10.32
CA VAL A 474 30.37 12.93 -11.35
C VAL A 474 30.25 11.68 -12.23
N MET A 475 31.01 10.64 -11.90
CA MET A 475 30.82 9.34 -12.54
C MET A 475 29.36 8.94 -12.34
N GLU A 476 28.76 8.35 -13.36
CA GLU A 476 27.35 7.96 -13.32
C GLU A 476 27.17 6.54 -12.78
N LEU A 477 26.02 6.30 -12.16
CA LEU A 477 25.68 5.02 -11.57
C LEU A 477 25.74 3.85 -12.54
N TYR A 478 24.97 3.91 -13.63
CA TYR A 478 24.84 2.73 -14.49
C TYR A 478 26.18 2.23 -15.07
N PRO A 479 26.96 3.10 -15.75
CA PRO A 479 28.22 2.59 -16.29
C PRO A 479 29.20 2.16 -15.19
N ALA A 480 29.13 2.81 -14.02
CA ALA A 480 29.97 2.44 -12.89
C ALA A 480 29.72 1.01 -12.42
N LEU A 481 28.44 0.61 -12.44
CA LEU A 481 28.06 -0.76 -12.07
C LEU A 481 28.71 -1.80 -12.98
N LEU A 482 28.80 -1.49 -14.26
CA LEU A 482 29.36 -2.43 -15.24
C LEU A 482 30.87 -2.40 -15.37
N VAL A 483 31.52 -1.35 -14.88
CA VAL A 483 32.98 -1.29 -14.89
C VAL A 483 33.60 -1.51 -13.51
N GLU A 484 32.77 -1.59 -12.48
CA GLU A 484 33.24 -1.73 -11.10
C GLU A 484 34.12 -2.95 -10.91
N LYS A 485 35.18 -2.79 -10.12
CA LYS A 485 35.99 -3.92 -9.70
C LYS A 485 35.06 -4.95 -9.05
N PRO A 486 35.03 -6.18 -9.60
CA PRO A 486 34.19 -7.20 -8.99
C PRO A 486 34.81 -7.69 -7.69
N ARG A 487 33.97 -8.22 -6.81
CA ARG A 487 34.44 -9.02 -5.67
C ARG A 487 35.27 -10.20 -6.20
N PRO A 488 36.15 -10.79 -5.37
CA PRO A 488 37.02 -11.86 -5.88
C PRO A 488 36.25 -12.99 -6.58
N ASP A 489 36.56 -13.20 -7.86
CA ASP A 489 35.91 -14.22 -8.70
C ASP A 489 34.40 -14.11 -8.68
N ALA A 490 33.90 -12.88 -8.58
CA ALA A 490 32.47 -12.65 -8.46
C ALA A 490 31.89 -12.01 -9.70
N ILE A 491 30.58 -12.11 -9.84
CA ILE A 491 29.88 -11.52 -10.98
C ILE A 491 29.68 -10.01 -10.80
N PHE A 492 29.61 -9.55 -9.55
CA PHE A 492 29.26 -8.17 -9.22
C PHE A 492 30.32 -7.52 -8.36
N GLY A 493 30.37 -6.19 -8.40
CA GLY A 493 31.14 -5.40 -7.44
C GLY A 493 30.23 -4.99 -6.29
N GLU A 494 30.82 -4.29 -5.33
CA GLU A 494 30.16 -3.84 -4.11
C GLU A 494 28.86 -3.05 -4.30
N THR A 495 28.91 -2.03 -5.16
CA THR A 495 27.75 -1.15 -5.39
C THR A 495 26.50 -1.92 -5.84
N MET A 496 26.69 -2.90 -6.72
CA MET A 496 25.57 -3.69 -7.24
C MET A 496 24.88 -4.46 -6.11
N VAL A 497 25.67 -5.12 -5.28
CA VAL A 497 25.14 -5.94 -4.23
C VAL A 497 24.45 -5.08 -3.17
N GLU A 498 25.11 -3.99 -2.78
CA GLU A 498 24.63 -3.16 -1.69
C GLU A 498 23.44 -2.26 -2.05
N LEU A 499 23.25 -1.98 -3.33
CA LEU A 499 22.03 -1.29 -3.75
C LEU A 499 20.93 -2.31 -4.02
N GLY A 500 21.29 -3.38 -4.73
CA GLY A 500 20.30 -4.37 -5.16
C GLY A 500 19.63 -5.14 -4.02
N ALA A 501 20.41 -5.50 -3.01
CA ALA A 501 19.90 -6.33 -1.92
C ALA A 501 18.73 -5.71 -1.13
N PRO A 502 18.83 -4.41 -0.71
CA PRO A 502 17.69 -3.81 -0.03
C PRO A 502 16.44 -3.68 -0.90
N PHE A 503 16.59 -3.21 -2.14
CA PHE A 503 15.45 -3.18 -3.06
C PHE A 503 14.80 -4.56 -3.19
N SER A 504 15.63 -5.56 -3.34
CA SER A 504 15.19 -6.94 -3.54
C SER A 504 14.42 -7.48 -2.33
N LEU A 505 15.03 -7.34 -1.13
CA LEU A 505 14.42 -7.71 0.15
C LEU A 505 12.99 -7.19 0.24
N LYS A 506 12.84 -5.87 0.05
CA LYS A 506 11.56 -5.20 0.12
C LYS A 506 10.55 -5.76 -0.88
N GLY A 507 11.00 -6.05 -2.10
CA GLY A 507 10.08 -6.61 -3.11
C GLY A 507 9.61 -8.01 -2.74
N LEU A 508 10.46 -8.75 -2.04
CA LEU A 508 10.20 -10.14 -1.75
C LEU A 508 9.43 -10.31 -0.45
N MET A 509 9.99 -9.78 0.65
CA MET A 509 9.37 -9.90 1.96
C MET A 509 8.20 -8.95 2.17
N GLY A 510 8.17 -7.86 1.39
N GLY A 510 8.19 -7.86 1.38
CA GLY A 510 7.10 -6.88 1.51
CA GLY A 510 7.12 -6.86 1.45
C GLY A 510 5.74 -7.39 1.03
C GLY A 510 5.92 -7.21 0.57
N ASN A 511 5.75 -8.50 0.30
CA ASN A 511 4.56 -9.03 -0.35
C ASN A 511 3.51 -9.34 0.72
N PRO A 512 2.22 -9.05 0.46
CA PRO A 512 1.22 -9.34 1.49
C PRO A 512 1.19 -10.81 1.95
N ILE A 513 1.59 -11.75 1.10
CA ILE A 513 1.53 -13.16 1.51
C ILE A 513 2.54 -13.49 2.64
N CYS A 514 3.52 -12.61 2.85
CA CYS A 514 4.50 -12.77 3.92
C CYS A 514 4.04 -12.18 5.25
N SER A 515 2.92 -11.47 5.22
CA SER A 515 2.36 -10.84 6.41
C SER A 515 1.67 -11.90 7.29
N PRO A 516 1.66 -11.70 8.61
CA PRO A 516 1.12 -12.72 9.53
C PRO A 516 -0.29 -13.19 9.20
N GLN A 517 -1.17 -12.28 8.79
CA GLN A 517 -2.55 -12.68 8.51
C GLN A 517 -2.69 -13.51 7.23
N TYR A 518 -1.72 -13.38 6.33
CA TYR A 518 -1.65 -14.22 5.13
C TYR A 518 -0.85 -15.50 5.32
N TRP A 519 0.25 -15.42 6.07
CA TRP A 519 1.19 -16.55 6.14
C TRP A 519 0.67 -17.70 7.02
N LYS A 520 -0.31 -18.42 6.48
CA LYS A 520 -1.07 -19.45 7.17
C LYS A 520 -1.43 -20.53 6.15
N PRO A 521 -1.52 -21.81 6.59
CA PRO A 521 -1.91 -22.88 5.66
C PRO A 521 -3.23 -22.62 4.92
N SER A 522 -4.22 -22.06 5.62
CA SER A 522 -5.55 -21.85 5.05
C SER A 522 -5.55 -20.90 3.86
N THR A 523 -4.63 -19.94 3.85
CA THR A 523 -4.49 -19.01 2.74
C THR A 523 -4.22 -19.77 1.44
N PHE A 524 -3.53 -20.90 1.55
CA PHE A 524 -3.05 -21.66 0.39
C PHE A 524 -3.74 -23.00 0.18
N GLY A 525 -4.97 -23.14 0.68
CA GLY A 525 -5.74 -24.35 0.48
C GLY A 525 -5.45 -25.46 1.48
N GLY A 526 -4.65 -25.14 2.49
CA GLY A 526 -4.32 -26.10 3.55
C GLY A 526 -2.85 -26.46 3.52
N GLU A 527 -2.47 -27.46 4.31
CA GLU A 527 -1.07 -27.90 4.42
C GLU A 527 -0.44 -28.28 3.09
N VAL A 528 -1.18 -28.95 2.22
CA VAL A 528 -0.69 -29.34 0.89
C VAL A 528 -0.20 -28.14 0.05
N GLY A 529 -1.01 -27.09 0.01
CA GLY A 529 -0.65 -25.89 -0.75
C GLY A 529 0.51 -25.14 -0.13
N PHE A 530 0.48 -25.04 1.20
CA PHE A 530 1.57 -24.45 1.98
C PHE A 530 2.88 -25.20 1.72
N LYS A 531 2.79 -26.53 1.63
CA LYS A 531 3.95 -27.38 1.39
C LYS A 531 4.60 -27.07 0.04
N ILE A 532 3.76 -26.88 -0.98
CA ILE A 532 4.24 -26.55 -2.31
C ILE A 532 5.13 -25.32 -2.28
N ILE A 533 4.72 -24.29 -1.53
CA ILE A 533 5.51 -23.08 -1.37
C ILE A 533 6.83 -23.38 -0.64
N ASN A 534 6.74 -24.02 0.51
CA ASN A 534 7.90 -24.12 1.41
C ASN A 534 8.94 -25.17 1.03
N THR A 535 8.69 -25.88 -0.08
CA THR A 535 9.65 -26.87 -0.58
C THR A 535 10.03 -26.57 -2.03
N ALA A 536 9.49 -25.50 -2.58
CA ALA A 536 9.80 -25.13 -3.97
C ALA A 536 11.29 -24.85 -4.19
N SER A 537 11.79 -25.26 -5.35
CA SER A 537 13.16 -25.00 -5.77
C SER A 537 13.16 -24.88 -7.28
N ILE A 538 14.20 -24.26 -7.84
CA ILE A 538 14.31 -24.19 -9.30
C ILE A 538 14.31 -25.60 -9.89
N GLN A 539 14.94 -26.53 -9.18
CA GLN A 539 15.01 -27.93 -9.62
CA GLN A 539 15.02 -27.94 -9.57
C GLN A 539 13.63 -28.60 -9.65
N SER A 540 12.86 -28.46 -8.57
CA SER A 540 11.52 -29.05 -8.51
C SER A 540 10.55 -28.38 -9.51
N LEU A 541 10.72 -27.08 -9.73
CA LEU A 541 9.92 -26.39 -10.75
C LEU A 541 10.08 -27.05 -12.13
N ILE A 542 11.32 -27.33 -12.50
CA ILE A 542 11.65 -27.98 -13.76
C ILE A 542 11.22 -29.45 -13.72
N CYS A 543 11.55 -30.12 -12.61
CA CYS A 543 11.26 -31.55 -12.48
C CYS A 543 9.78 -31.87 -12.67
N ASN A 544 8.92 -31.09 -12.04
CA ASN A 544 7.47 -31.27 -12.12
C ASN A 544 6.85 -30.93 -13.49
N ASN A 545 7.49 -30.03 -14.24
CA ASN A 545 6.86 -29.43 -15.43
C ASN A 545 7.58 -29.62 -16.76
N VAL A 546 8.72 -30.31 -16.75
CA VAL A 546 9.50 -30.56 -17.95
C VAL A 546 9.71 -32.07 -18.13
N LYS A 547 9.36 -32.58 -19.31
CA LYS A 547 9.49 -34.00 -19.65
C LYS A 547 10.88 -34.55 -19.31
N GLY A 548 10.90 -35.69 -18.62
CA GLY A 548 12.14 -36.37 -18.25
C GLY A 548 12.83 -35.83 -17.00
N CYS A 549 12.22 -34.84 -16.35
CA CYS A 549 12.79 -34.19 -15.17
C CYS A 549 14.32 -33.99 -15.29
N PRO A 550 14.75 -33.17 -16.25
CA PRO A 550 16.19 -32.94 -16.38
C PRO A 550 16.74 -32.24 -15.14
N PHE A 551 17.99 -32.53 -14.81
CA PHE A 551 18.72 -31.76 -13.82
C PHE A 551 18.83 -30.30 -14.26
N THR A 552 18.72 -29.40 -13.30
CA THR A 552 18.99 -27.99 -13.55
C THR A 552 19.48 -27.28 -12.30
N SER A 553 20.04 -26.09 -12.49
CA SER A 553 20.49 -25.22 -11.43
C SER A 553 20.88 -23.90 -12.07
N PHE A 554 21.32 -22.94 -11.26
CA PHE A 554 21.67 -21.63 -11.75
C PHE A 554 23.16 -21.48 -12.08
N ASN A 555 23.94 -22.52 -11.80
CA ASN A 555 25.35 -22.52 -12.20
C ASN A 555 25.67 -23.69 -13.10
N VAL A 556 26.63 -23.47 -14.01
CA VAL A 556 27.21 -24.52 -14.83
C VAL A 556 27.93 -25.58 -13.98
N GLN A 557 28.59 -25.14 -12.90
CA GLN A 557 29.42 -26.00 -12.04
C GLN A 557 30.43 -26.84 -12.84
N HIS B 6 -24.62 -27.43 1.24
CA HIS B 6 -24.14 -26.02 1.37
C HIS B 6 -22.70 -25.94 1.87
N HIS B 7 -22.10 -24.75 1.77
CA HIS B 7 -20.75 -24.51 2.26
C HIS B 7 -20.62 -24.92 3.74
N PRO B 8 -19.61 -25.74 4.06
CA PRO B 8 -19.43 -26.27 5.44
C PRO B 8 -19.10 -25.19 6.48
N CYS B 9 -18.67 -24.02 6.04
CA CYS B 9 -18.32 -22.92 6.93
C CYS B 9 -19.50 -21.96 7.20
N CYS B 10 -20.67 -22.26 6.63
CA CYS B 10 -21.86 -21.43 6.79
C CYS B 10 -22.21 -21.11 8.24
N SER B 11 -21.96 -22.04 9.15
CA SER B 11 -22.26 -21.83 10.57
C SER B 11 -21.24 -20.95 11.30
N ASN B 12 -20.18 -20.56 10.61
CA ASN B 12 -19.06 -19.83 11.20
C ASN B 12 -18.53 -20.57 12.44
N PRO B 13 -18.06 -21.82 12.25
CA PRO B 13 -17.70 -22.67 13.38
C PRO B 13 -16.40 -22.26 14.10
N CYS B 14 -15.49 -21.62 13.37
CA CYS B 14 -14.16 -21.29 13.90
C CYS B 14 -14.21 -20.02 14.73
N GLN B 15 -13.81 -20.13 15.98
CA GLN B 15 -13.87 -19.01 16.94
C GLN B 15 -12.50 -18.35 17.08
N ASN B 16 -12.49 -17.20 17.75
CA ASN B 16 -11.24 -16.51 18.13
C ASN B 16 -10.27 -16.18 16.98
N ARG B 17 -10.83 -15.83 15.82
CA ARG B 17 -10.08 -15.44 14.61
C ARG B 17 -9.52 -16.62 13.80
N GLY B 18 -9.92 -17.83 14.15
CA GLY B 18 -9.60 -19.02 13.35
C GLY B 18 -10.23 -18.91 11.97
N GLU B 19 -9.52 -19.37 10.94
CA GLU B 19 -10.03 -19.29 9.57
C GLU B 19 -10.64 -20.61 9.19
N CYS B 20 -11.85 -20.57 8.65
CA CYS B 20 -12.56 -21.77 8.22
C CYS B 20 -12.31 -22.05 6.75
N MET B 21 -12.09 -23.32 6.44
CA MET B 21 -11.84 -23.78 5.09
C MET B 21 -12.59 -25.08 4.89
N SER B 22 -13.31 -25.21 3.78
CA SER B 22 -13.93 -26.49 3.44
C SER B 22 -12.84 -27.54 3.13
N THR B 23 -13.10 -28.79 3.51
CA THR B 23 -12.17 -29.90 3.27
C THR B 23 -12.90 -31.06 2.61
N GLY B 24 -13.95 -30.71 1.88
CA GLY B 24 -14.88 -31.68 1.29
C GLY B 24 -16.22 -30.98 1.23
N PHE B 25 -17.21 -31.64 0.64
CA PHE B 25 -18.53 -31.04 0.50
C PHE B 25 -19.23 -30.75 1.83
N ASP B 26 -18.95 -31.56 2.85
CA ASP B 26 -19.60 -31.41 4.15
C ASP B 26 -18.64 -31.32 5.34
N GLN B 27 -17.33 -31.18 5.07
CA GLN B 27 -16.33 -31.09 6.13
C GLN B 27 -15.62 -29.73 6.08
N TYR B 28 -15.21 -29.26 7.25
CA TYR B 28 -14.42 -28.03 7.35
C TYR B 28 -13.21 -28.26 8.25
N LYS B 29 -12.26 -27.34 8.17
CA LYS B 29 -11.13 -27.31 9.10
C LYS B 29 -10.86 -25.88 9.53
N CYS B 30 -10.55 -25.69 10.82
CA CYS B 30 -10.22 -24.37 11.33
C CYS B 30 -8.71 -24.21 11.40
N ASP B 31 -8.22 -23.14 10.78
CA ASP B 31 -6.81 -22.80 10.87
C ASP B 31 -6.64 -21.89 12.08
N CYS B 32 -6.05 -22.43 13.15
CA CYS B 32 -5.91 -21.69 14.41
C CYS B 32 -4.57 -20.97 14.57
N THR B 33 -3.79 -20.88 13.49
CA THR B 33 -2.49 -20.20 13.54
C THR B 33 -2.53 -18.82 14.22
N ARG B 34 -1.70 -18.67 15.24
CA ARG B 34 -1.47 -17.39 15.96
C ARG B 34 -2.70 -16.78 16.68
N THR B 35 -3.75 -17.58 16.85
CA THR B 35 -4.95 -17.13 17.58
C THR B 35 -4.78 -17.24 19.09
N GLY B 36 -3.79 -18.00 19.54
CA GLY B 36 -3.60 -18.30 20.97
C GLY B 36 -4.57 -19.36 21.45
N PHE B 37 -5.23 -20.01 20.50
CA PHE B 37 -6.20 -21.09 20.77
C PHE B 37 -5.90 -22.29 19.89
N TYR B 38 -6.40 -23.45 20.29
CA TYR B 38 -6.30 -24.66 19.47
C TYR B 38 -7.56 -25.51 19.59
N GLY B 39 -7.53 -26.69 18.98
CA GLY B 39 -8.70 -27.57 18.94
C GLY B 39 -9.51 -27.38 17.67
N GLU B 40 -10.51 -28.24 17.47
CA GLU B 40 -11.32 -28.25 16.25
C GLU B 40 -11.87 -26.88 15.83
N ASN B 41 -12.35 -26.10 16.79
CA ASN B 41 -12.97 -24.79 16.51
C ASN B 41 -12.19 -23.61 17.04
N CYS B 42 -10.92 -23.84 17.38
CA CYS B 42 -10.06 -22.84 18.03
C CYS B 42 -10.71 -22.27 19.31
N THR B 43 -11.15 -23.17 20.20
CA THR B 43 -11.82 -22.76 21.44
C THR B 43 -11.04 -23.15 22.70
N THR B 44 -10.08 -24.05 22.57
CA THR B 44 -9.24 -24.43 23.71
C THR B 44 -8.06 -23.45 23.83
N PRO B 45 -8.04 -22.66 24.91
CA PRO B 45 -7.04 -21.62 25.07
C PRO B 45 -5.69 -22.17 25.53
N GLU B 46 -4.62 -21.66 24.91
CA GLU B 46 -3.26 -21.96 25.37
C GLU B 46 -3.03 -21.33 26.73
N PHE B 47 -2.01 -21.81 27.45
CA PHE B 47 -1.80 -21.36 28.82
C PHE B 47 -1.60 -19.84 28.96
N LEU B 48 -0.72 -19.28 28.13
CA LEU B 48 -0.47 -17.83 28.12
C LEU B 48 -1.75 -17.04 27.86
N THR B 49 -2.62 -17.57 27.01
CA THR B 49 -3.91 -16.98 26.67
C THR B 49 -4.87 -16.97 27.87
N ARG B 50 -4.90 -18.07 28.62
CA ARG B 50 -5.70 -18.15 29.84
C ARG B 50 -5.41 -16.98 30.79
N ILE B 51 -4.13 -16.73 31.04
CA ILE B 51 -3.71 -15.63 31.92
C ILE B 51 -4.05 -14.26 31.32
N LYS B 52 -3.79 -14.10 30.01
CA LYS B 52 -4.15 -12.88 29.30
C LYS B 52 -5.63 -12.57 29.44
N LEU B 53 -6.49 -13.56 29.21
CA LEU B 53 -7.94 -13.40 29.33
C LEU B 53 -8.41 -13.11 30.75
N LEU B 54 -7.68 -13.64 31.73
CA LEU B 54 -7.98 -13.43 33.14
C LEU B 54 -7.70 -11.99 33.56
N LEU B 55 -6.60 -11.42 33.03
CA LEU B 55 -6.16 -10.08 33.41
C LEU B 55 -6.73 -8.96 32.53
N LYS B 56 -7.29 -9.34 31.38
CA LYS B 56 -7.85 -8.39 30.42
C LYS B 56 -9.13 -7.72 30.97
N PRO B 57 -9.10 -6.39 31.14
CA PRO B 57 -10.33 -5.67 31.50
C PRO B 57 -11.27 -5.57 30.30
N THR B 58 -12.58 -5.57 30.57
CA THR B 58 -13.58 -5.41 29.52
C THR B 58 -13.57 -3.97 28.95
N PRO B 59 -14.07 -3.79 27.70
CA PRO B 59 -14.23 -2.46 27.14
C PRO B 59 -15.10 -1.53 28.01
N ASN B 60 -16.15 -2.08 28.60
CA ASN B 60 -17.00 -1.32 29.53
C ASN B 60 -16.25 -0.83 30.78
N THR B 61 -15.38 -1.67 31.32
CA THR B 61 -14.54 -1.32 32.48
C THR B 61 -13.55 -0.21 32.11
N VAL B 62 -12.84 -0.40 31.00
CA VAL B 62 -11.90 0.61 30.49
C VAL B 62 -12.63 1.94 30.21
N HIS B 63 -13.82 1.85 29.63
CA HIS B 63 -14.63 3.04 29.37
C HIS B 63 -14.99 3.76 30.67
N TYR B 64 -15.34 3.00 31.70
CA TYR B 64 -15.68 3.59 33.00
C TYR B 64 -14.51 4.41 33.56
N ILE B 65 -13.33 3.82 33.56
CA ILE B 65 -12.13 4.46 34.11
C ILE B 65 -11.81 5.76 33.37
N LEU B 66 -11.89 5.73 32.04
CA LEU B 66 -11.60 6.89 31.20
C LEU B 66 -12.64 8.00 31.34
N THR B 67 -13.87 7.63 31.70
CA THR B 67 -14.96 8.60 31.84
C THR B 67 -15.24 9.03 33.30
N HIS B 68 -14.50 8.46 34.25
CA HIS B 68 -14.57 8.88 35.65
C HIS B 68 -13.20 9.33 36.15
N PHE B 69 -13.11 9.65 37.43
CA PHE B 69 -11.86 10.11 38.08
C PHE B 69 -11.28 11.35 37.40
N LYS B 70 -12.14 12.32 37.10
CA LYS B 70 -11.76 13.52 36.34
C LYS B 70 -10.52 14.23 36.89
N GLY B 71 -10.41 14.28 38.22
CA GLY B 71 -9.28 14.92 38.89
C GLY B 71 -7.94 14.24 38.64
N VAL B 72 -7.95 12.91 38.58
CA VAL B 72 -6.75 12.14 38.29
C VAL B 72 -6.31 12.38 36.84
N TRP B 73 -7.28 12.35 35.93
CA TRP B 73 -7.02 12.61 34.51
C TRP B 73 -6.51 14.03 34.28
N ASN B 74 -7.03 15.01 35.02
CA ASN B 74 -6.51 16.39 35.01
C ASN B 74 -5.02 16.45 35.34
N ILE B 75 -4.58 15.63 36.31
CA ILE B 75 -3.17 15.52 36.65
C ILE B 75 -2.43 14.80 35.52
N VAL B 76 -2.92 13.63 35.15
CA VAL B 76 -2.35 12.82 34.07
C VAL B 76 -2.17 13.61 32.76
N ASN B 77 -3.16 14.44 32.43
CA ASN B 77 -3.12 15.26 31.22
C ASN B 77 -2.02 16.32 31.19
N ASN B 78 -1.52 16.70 32.37
CA ASN B 78 -0.50 17.74 32.47
C ASN B 78 0.92 17.20 32.68
N ILE B 79 1.05 15.88 32.67
CA ILE B 79 2.35 15.20 32.71
C ILE B 79 2.61 14.49 31.37
N PRO B 80 3.42 15.13 30.50
CA PRO B 80 3.65 14.65 29.12
C PRO B 80 4.07 13.19 28.96
N PHE B 81 4.91 12.69 29.86
CA PHE B 81 5.37 11.29 29.81
C PHE B 81 4.22 10.29 30.02
N LEU B 82 3.32 10.62 30.95
CA LEU B 82 2.19 9.75 31.28
C LEU B 82 1.10 9.81 30.23
N ARG B 83 0.85 11.01 29.70
CA ARG B 83 -0.08 11.19 28.60
C ARG B 83 0.37 10.39 27.36
N SER B 84 1.66 10.49 27.04
CA SER B 84 2.24 9.73 25.93
C SER B 84 2.12 8.22 26.11
N LEU B 85 2.40 7.74 27.32
CA LEU B 85 2.34 6.32 27.64
C LEU B 85 0.91 5.76 27.54
N ILE B 86 -0.06 6.56 27.98
CA ILE B 86 -1.47 6.15 27.88
C ILE B 86 -1.96 6.22 26.44
N MET B 87 -1.62 7.29 25.73
CA MET B 87 -1.99 7.40 24.32
C MET B 87 -1.38 6.28 23.49
N LYS B 88 -0.12 5.95 23.75
CA LYS B 88 0.54 4.82 23.09
C LYS B 88 -0.24 3.52 23.29
N TYR B 89 -0.69 3.27 24.52
CA TYR B 89 -1.54 2.12 24.84
C TYR B 89 -2.86 2.13 24.05
N VAL B 90 -3.49 3.30 23.98
CA VAL B 90 -4.73 3.48 23.22
C VAL B 90 -4.52 3.07 21.76
N LEU B 91 -3.42 3.56 21.17
CA LEU B 91 -3.11 3.28 19.78
C LEU B 91 -2.78 1.80 19.52
N THR B 92 -1.97 1.19 20.39
CA THR B 92 -1.51 -0.19 20.17
C THR B 92 -2.55 -1.26 20.52
N SER B 93 -3.42 -0.98 21.49
CA SER B 93 -4.49 -1.92 21.82
C SER B 93 -5.55 -2.03 20.71
N ARG B 94 -5.77 -0.95 19.97
CA ARG B 94 -6.72 -0.93 18.87
C ARG B 94 -6.14 -1.52 17.58
N SER B 95 -4.83 -1.43 17.43
CA SER B 95 -4.14 -1.76 16.16
C SER B 95 -4.30 -3.20 15.69
N TYR B 96 -4.11 -4.16 16.60
CA TYR B 96 -4.06 -5.59 16.25
C TYR B 96 -5.38 -6.17 15.71
N LEU B 97 -6.47 -5.41 15.85
CA LEU B 97 -7.81 -5.87 15.44
C LEU B 97 -8.07 -5.80 13.93
N ILE B 98 -7.33 -4.95 13.22
CA ILE B 98 -7.55 -4.75 11.78
C ILE B 98 -6.54 -5.54 10.94
N ASP B 99 -7.04 -6.30 9.97
CA ASP B 99 -6.16 -6.97 9.00
C ASP B 99 -5.48 -5.94 8.09
N SER B 100 -4.16 -5.91 8.13
CA SER B 100 -3.38 -4.96 7.34
C SER B 100 -2.02 -5.55 7.04
N PRO B 101 -1.75 -5.88 5.76
CA PRO B 101 -2.54 -5.76 4.53
C PRO B 101 -3.94 -6.37 4.64
N PRO B 102 -4.90 -5.81 3.89
CA PRO B 102 -6.28 -6.25 4.03
C PRO B 102 -6.52 -7.60 3.38
N THR B 103 -7.64 -8.23 3.72
CA THR B 103 -7.91 -9.60 3.33
C THR B 103 -9.18 -9.69 2.46
N TYR B 104 -10.33 -9.92 3.09
CA TYR B 104 -11.57 -10.24 2.36
C TYR B 104 -12.25 -9.04 1.72
N ASN B 105 -13.14 -9.32 0.79
CA ASN B 105 -14.09 -8.32 0.29
C ASN B 105 -15.45 -8.97 -0.06
N VAL B 106 -16.37 -8.19 -0.65
CA VAL B 106 -17.73 -8.69 -0.90
C VAL B 106 -17.74 -9.93 -1.81
N HIS B 107 -16.77 -10.02 -2.71
CA HIS B 107 -16.70 -11.13 -3.66
C HIS B 107 -15.76 -12.25 -3.23
N TYR B 108 -15.02 -12.02 -2.15
CA TYR B 108 -13.98 -12.99 -1.72
C TYR B 108 -14.03 -13.30 -0.23
N GLY B 109 -14.61 -14.45 0.10
CA GLY B 109 -14.64 -14.96 1.47
C GLY B 109 -13.36 -15.70 1.86
N TYR B 110 -12.44 -15.82 0.90
CA TYR B 110 -11.10 -16.37 1.13
C TYR B 110 -10.12 -15.32 0.62
N LYS B 111 -8.89 -15.35 1.12
CA LYS B 111 -7.86 -14.42 0.68
C LYS B 111 -7.45 -14.72 -0.76
N SER B 112 -7.26 -13.66 -1.54
CA SER B 112 -6.90 -13.80 -2.93
C SER B 112 -6.15 -12.55 -3.38
N TRP B 113 -5.43 -12.68 -4.49
CA TRP B 113 -4.71 -11.55 -5.03
C TRP B 113 -5.68 -10.49 -5.55
N GLU B 114 -6.81 -10.93 -6.07
CA GLU B 114 -7.83 -10.00 -6.54
C GLU B 114 -8.32 -9.15 -5.36
N ALA B 115 -8.68 -9.80 -4.25
CA ALA B 115 -9.13 -9.09 -3.06
C ALA B 115 -8.05 -8.14 -2.50
N PHE B 116 -6.80 -8.59 -2.43
CA PHE B 116 -5.73 -7.70 -1.99
C PHE B 116 -5.48 -6.51 -2.94
N SER B 117 -5.36 -6.78 -4.23
CA SER B 117 -4.85 -5.77 -5.16
C SER B 117 -5.89 -4.79 -5.71
N ASN B 118 -7.16 -5.18 -5.69
CA ASN B 118 -8.19 -4.39 -6.33
C ASN B 118 -8.76 -3.31 -5.40
N LEU B 119 -8.24 -2.09 -5.57
CA LEU B 119 -8.58 -0.95 -4.73
C LEU B 119 -10.02 -0.45 -4.88
N SER B 120 -10.71 -0.91 -5.93
CA SER B 120 -12.10 -0.53 -6.16
C SER B 120 -13.08 -1.09 -5.14
N TYR B 121 -12.64 -2.09 -4.37
CA TYR B 121 -13.49 -2.71 -3.36
C TYR B 121 -13.26 -2.07 -1.99
N TYR B 122 -14.34 -1.96 -1.23
CA TYR B 122 -14.21 -1.84 0.21
C TYR B 122 -13.70 -3.19 0.69
N THR B 123 -12.81 -3.19 1.68
CA THR B 123 -12.39 -4.44 2.26
C THR B 123 -13.47 -4.90 3.25
N ARG B 124 -13.29 -6.09 3.82
CA ARG B 124 -14.24 -6.63 4.79
C ARG B 124 -13.53 -7.19 6.01
N ALA B 125 -13.99 -6.77 7.18
CA ALA B 125 -13.47 -7.22 8.47
C ALA B 125 -13.88 -8.68 8.74
N LEU B 126 -15.03 -9.06 8.21
CA LEU B 126 -15.49 -10.45 8.21
C LEU B 126 -15.91 -10.85 6.79
N PRO B 127 -15.58 -12.08 6.39
CA PRO B 127 -15.97 -12.55 5.05
C PRO B 127 -17.49 -12.56 4.88
N PRO B 128 -17.97 -12.40 3.64
CA PRO B 128 -19.41 -12.54 3.40
C PRO B 128 -19.90 -13.95 3.70
N VAL B 129 -21.17 -14.06 4.10
CA VAL B 129 -21.86 -15.34 4.20
C VAL B 129 -21.90 -15.95 2.79
N ALA B 130 -21.56 -17.23 2.67
CA ALA B 130 -21.53 -17.91 1.37
C ALA B 130 -22.89 -17.85 0.68
N ASP B 131 -22.87 -17.85 -0.65
CA ASP B 131 -24.07 -17.68 -1.47
C ASP B 131 -25.11 -18.80 -1.27
N ASP B 132 -24.63 -20.00 -0.96
CA ASP B 132 -25.53 -21.16 -0.85
C ASP B 132 -25.98 -21.51 0.57
N CYS B 133 -25.68 -20.64 1.53
CA CYS B 133 -26.05 -20.92 2.93
C CYS B 133 -27.57 -20.98 3.09
N PRO B 134 -28.08 -21.94 3.90
CA PRO B 134 -29.52 -22.15 4.07
C PRO B 134 -30.30 -20.94 4.62
N THR B 135 -29.62 -20.10 5.41
CA THR B 135 -30.22 -18.88 5.94
C THR B 135 -29.30 -17.68 5.69
N PRO B 136 -29.86 -16.45 5.67
CA PRO B 136 -29.08 -15.24 5.42
C PRO B 136 -27.87 -15.04 6.34
N MET B 137 -27.98 -15.46 7.60
CA MET B 137 -26.86 -15.34 8.55
C MET B 137 -25.96 -16.58 8.65
N GLY B 138 -26.25 -17.58 7.82
CA GLY B 138 -25.51 -18.84 7.86
C GLY B 138 -26.42 -20.04 7.97
N VAL B 139 -26.66 -20.48 9.21
CA VAL B 139 -27.57 -21.61 9.47
C VAL B 139 -28.66 -21.25 10.48
N LYS B 140 -28.38 -20.23 11.31
CA LYS B 140 -29.30 -19.79 12.36
C LYS B 140 -30.42 -18.93 11.78
N GLY B 141 -31.54 -18.88 12.51
CA GLY B 141 -32.65 -18.00 12.15
C GLY B 141 -33.54 -18.55 11.05
N ASN B 142 -34.44 -17.71 10.56
CA ASN B 142 -35.40 -18.09 9.52
C ASN B 142 -34.80 -18.00 8.12
N LYS B 143 -35.46 -18.63 7.16
CA LYS B 143 -35.07 -18.59 5.74
C LYS B 143 -34.92 -17.17 5.20
N GLU B 144 -35.75 -16.26 5.71
CA GLU B 144 -35.68 -14.85 5.36
C GLU B 144 -35.50 -13.99 6.61
N LEU B 145 -34.74 -12.90 6.48
CA LEU B 145 -34.65 -11.88 7.52
C LEU B 145 -35.95 -11.07 7.55
N PRO B 146 -36.25 -10.42 8.69
CA PRO B 146 -37.49 -9.64 8.74
C PRO B 146 -37.48 -8.50 7.73
N ASP B 147 -38.68 -8.17 7.23
CA ASP B 147 -38.87 -7.02 6.37
C ASP B 147 -38.12 -5.81 6.96
N SER B 148 -37.25 -5.23 6.14
CA SER B 148 -36.43 -4.11 6.57
C SER B 148 -37.28 -2.88 6.89
N LYS B 149 -38.39 -2.72 6.17
CA LYS B 149 -39.39 -1.69 6.50
C LYS B 149 -39.93 -1.85 7.94
N GLU B 150 -40.25 -3.08 8.34
CA GLU B 150 -40.77 -3.36 9.68
C GLU B 150 -39.73 -3.06 10.78
N VAL B 151 -38.48 -3.45 10.53
CA VAL B 151 -37.39 -3.17 11.45
C VAL B 151 -37.24 -1.67 11.61
N LEU B 152 -37.20 -0.97 10.48
CA LEU B 152 -37.09 0.48 10.43
C LEU B 152 -38.20 1.18 11.20
N GLU B 153 -39.44 0.86 10.87
CA GLU B 153 -40.60 1.53 11.45
C GLU B 153 -40.75 1.28 12.95
N LYS B 154 -40.50 0.04 13.36
CA LYS B 154 -40.69 -0.34 14.75
C LYS B 154 -39.62 0.21 15.70
N VAL B 155 -38.35 0.16 15.30
CA VAL B 155 -37.29 0.48 16.26
C VAL B 155 -36.31 1.57 15.84
N LEU B 156 -36.38 2.03 14.59
CA LEU B 156 -35.39 3.01 14.12
C LEU B 156 -35.92 4.42 13.93
N LEU B 157 -37.14 4.54 13.43
CA LEU B 157 -37.70 5.85 13.08
C LEU B 157 -38.00 6.71 14.30
N ARG B 158 -37.68 7.99 14.18
CA ARG B 158 -37.87 8.98 15.24
C ARG B 158 -39.35 9.25 15.52
N ARG B 159 -39.74 9.15 16.78
CA ARG B 159 -41.02 9.72 17.20
C ARG B 159 -40.67 11.11 17.71
N GLU B 160 -40.42 11.24 19.01
CA GLU B 160 -39.91 12.49 19.56
C GLU B 160 -38.41 12.56 19.35
N PHE B 161 -37.92 13.75 18.99
CA PHE B 161 -36.50 14.02 18.87
C PHE B 161 -35.79 13.73 20.17
N ILE B 162 -34.76 12.90 20.10
CA ILE B 162 -33.92 12.58 21.24
C ILE B 162 -32.58 13.25 21.04
N PRO B 163 -32.30 14.32 21.82
CA PRO B 163 -31.02 15.02 21.75
C PRO B 163 -29.88 14.13 22.23
N ASP B 164 -28.68 14.39 21.73
CA ASP B 164 -27.50 13.65 22.20
C ASP B 164 -27.14 14.17 23.59
N PRO B 165 -27.09 13.26 24.60
CA PRO B 165 -26.73 13.66 25.97
C PRO B 165 -25.30 14.16 26.11
N GLN B 166 -24.45 13.76 25.16
CA GLN B 166 -23.06 14.23 25.11
C GLN B 166 -22.97 15.64 24.51
N GLY B 167 -24.10 16.14 24.01
CA GLY B 167 -24.18 17.51 23.53
C GLY B 167 -23.58 17.79 22.15
N SER B 168 -23.38 16.74 21.36
CA SER B 168 -22.90 16.89 19.99
C SER B 168 -23.74 17.95 19.25
N ASN B 169 -23.09 18.81 18.49
CA ASN B 169 -23.79 19.84 17.74
C ASN B 169 -23.80 19.63 16.21
N MET B 170 -24.31 20.61 15.48
CA MET B 170 -24.36 20.52 14.03
C MET B 170 -22.99 20.74 13.38
N MET B 171 -22.11 21.48 14.05
CA MET B 171 -20.70 21.54 13.63
C MET B 171 -20.10 20.13 13.60
N PHE B 172 -20.36 19.35 14.64
CA PHE B 172 -19.92 17.95 14.71
C PHE B 172 -20.56 17.10 13.61
N ALA B 173 -21.87 17.19 13.48
CA ALA B 173 -22.62 16.33 12.58
C ALA B 173 -22.18 16.57 11.14
N PHE B 174 -22.06 17.83 10.75
CA PHE B 174 -21.58 18.16 9.42
C PHE B 174 -20.09 17.89 9.20
N PHE B 175 -19.30 17.96 10.26
CA PHE B 175 -17.88 17.61 10.17
C PHE B 175 -17.74 16.11 9.93
N ALA B 176 -18.50 15.33 10.69
CA ALA B 176 -18.57 13.88 10.50
C ALA B 176 -18.88 13.55 9.03
N GLN B 177 -19.89 14.20 8.48
CA GLN B 177 -20.32 13.96 7.10
C GLN B 177 -19.26 14.40 6.08
N HIS B 178 -18.77 15.62 6.20
CA HIS B 178 -17.73 16.14 5.31
C HIS B 178 -16.44 15.29 5.40
N PHE B 179 -15.95 15.06 6.60
CA PHE B 179 -14.71 14.31 6.80
C PHE B 179 -14.75 12.89 6.23
N THR B 180 -15.77 12.12 6.60
CA THR B 180 -15.86 10.70 6.20
C THR B 180 -16.17 10.49 4.72
N HIS B 181 -16.81 11.48 4.09
CA HIS B 181 -17.17 11.35 2.68
C HIS B 181 -15.99 11.55 1.71
N GLN B 182 -14.78 11.72 2.25
CA GLN B 182 -13.59 11.56 1.42
C GLN B 182 -13.22 10.10 1.24
N PHE B 183 -13.65 9.24 2.17
CA PHE B 183 -13.30 7.82 2.09
C PHE B 183 -14.48 6.84 2.00
N PHE B 184 -15.69 7.33 2.28
CA PHE B 184 -16.89 6.59 1.94
C PHE B 184 -17.49 7.23 0.69
N LYS B 185 -17.21 6.61 -0.45
CA LYS B 185 -17.61 7.12 -1.76
C LYS B 185 -18.06 5.93 -2.57
N THR B 186 -19.20 5.36 -2.16
CA THR B 186 -19.69 4.13 -2.76
C THR B 186 -19.96 4.31 -4.25
N ASP B 187 -19.43 3.36 -5.01
CA ASP B 187 -19.56 3.34 -6.45
C ASP B 187 -20.85 2.59 -6.78
N HIS B 188 -21.97 3.32 -6.74
CA HIS B 188 -23.30 2.71 -6.92
C HIS B 188 -23.53 2.05 -8.28
N LYS B 189 -22.72 2.39 -9.27
CA LYS B 189 -22.75 1.72 -10.59
C LYS B 189 -22.25 0.29 -10.47
N ARG B 190 -21.27 0.05 -9.61
CA ARG B 190 -20.73 -1.29 -9.43
C ARG B 190 -21.50 -2.06 -8.35
N GLY B 191 -21.79 -1.39 -7.25
CA GLY B 191 -22.49 -2.01 -6.12
C GLY B 191 -22.05 -1.40 -4.79
N PRO B 192 -22.75 -1.75 -3.69
CA PRO B 192 -22.46 -1.22 -2.36
C PRO B 192 -21.11 -1.64 -1.77
N GLY B 193 -20.52 -2.72 -2.30
CA GLY B 193 -19.21 -3.17 -1.84
C GLY B 193 -18.02 -2.52 -2.54
N PHE B 194 -18.31 -1.54 -3.39
CA PHE B 194 -17.30 -0.86 -4.19
C PHE B 194 -17.18 0.62 -3.86
N THR B 195 -15.98 1.15 -4.00
CA THR B 195 -15.70 2.54 -3.64
C THR B 195 -15.05 3.28 -4.80
N ARG B 196 -15.23 4.60 -4.82
CA ARG B 196 -14.50 5.46 -5.74
C ARG B 196 -13.33 6.14 -5.02
N GLY B 197 -13.25 5.96 -3.70
CA GLY B 197 -12.15 6.53 -2.92
C GLY B 197 -10.92 5.63 -2.92
N LEU B 198 -10.19 5.62 -4.04
CA LEU B 198 -9.06 4.70 -4.23
C LEU B 198 -7.85 4.96 -3.34
N GLY B 199 -7.84 6.11 -2.65
CA GLY B 199 -6.77 6.44 -1.70
C GLY B 199 -6.99 5.80 -0.34
N HIS B 200 -8.21 5.31 -0.11
CA HIS B 200 -8.58 4.55 1.09
C HIS B 200 -8.18 5.20 2.42
N GLY B 201 -8.39 6.50 2.53
CA GLY B 201 -8.07 7.20 3.76
C GLY B 201 -8.12 8.70 3.66
N VAL B 202 -7.35 9.35 4.52
CA VAL B 202 -7.35 10.79 4.65
C VAL B 202 -6.37 11.40 3.63
N ASP B 203 -6.84 11.48 2.39
CA ASP B 203 -6.05 12.09 1.32
C ASP B 203 -6.58 13.46 0.89
N LEU B 204 -7.71 13.85 1.47
CA LEU B 204 -8.43 15.10 1.12
C LEU B 204 -8.83 15.23 -0.34
N ASN B 205 -9.17 14.11 -0.98
CA ASN B 205 -9.74 14.14 -2.33
C ASN B 205 -11.04 14.93 -2.37
N HIS B 206 -11.72 15.03 -1.22
CA HIS B 206 -12.99 15.77 -1.14
C HIS B 206 -12.78 17.29 -1.23
N ILE B 207 -11.53 17.72 -1.12
CA ILE B 207 -11.12 19.10 -1.35
C ILE B 207 -10.40 19.22 -2.69
N TYR B 208 -9.48 18.30 -2.97
CA TYR B 208 -8.58 18.43 -4.12
C TYR B 208 -9.01 17.64 -5.34
N GLY B 209 -10.00 16.77 -5.19
CA GLY B 209 -10.43 15.91 -6.29
C GLY B 209 -9.73 14.56 -6.26
N GLU B 210 -10.44 13.54 -6.71
CA GLU B 210 -9.94 12.16 -6.73
C GLU B 210 -8.85 11.95 -7.79
N THR B 211 -9.03 12.55 -8.97
CA THR B 211 -8.09 12.41 -10.08
C THR B 211 -7.30 13.69 -10.35
N LEU B 212 -6.15 13.54 -11.00
CA LEU B 212 -5.28 14.66 -11.34
C LEU B 212 -5.98 15.69 -12.23
N ASP B 213 -6.76 15.19 -13.19
CA ASP B 213 -7.54 16.02 -14.09
C ASP B 213 -8.50 16.94 -13.32
N ARG B 214 -9.20 16.40 -12.34
CA ARG B 214 -10.11 17.17 -11.49
C ARG B 214 -9.35 18.17 -10.62
N GLN B 215 -8.24 17.73 -10.04
CA GLN B 215 -7.38 18.62 -9.23
C GLN B 215 -6.88 19.82 -10.03
N HIS B 216 -6.45 19.55 -11.26
CA HIS B 216 -5.90 20.61 -12.12
C HIS B 216 -6.95 21.62 -12.52
N LYS B 217 -8.19 21.17 -12.69
CA LYS B 217 -9.30 22.09 -12.95
C LYS B 217 -9.66 22.95 -11.73
N LEU B 218 -9.40 22.43 -10.53
CA LEU B 218 -9.72 23.15 -9.30
C LEU B 218 -8.60 24.11 -8.86
N ARG B 219 -7.40 23.91 -9.40
CA ARG B 219 -6.24 24.74 -9.02
C ARG B 219 -6.14 26.03 -9.81
N LEU B 220 -5.61 27.06 -9.14
CA LEU B 220 -5.36 28.35 -9.77
C LEU B 220 -4.08 28.32 -10.62
N PHE B 221 -3.12 27.49 -10.22
CA PHE B 221 -1.76 27.47 -10.80
C PHE B 221 -0.95 28.76 -10.55
N LYS B 222 -1.37 29.51 -9.54
CA LYS B 222 -0.62 30.64 -9.02
C LYS B 222 -0.56 30.45 -7.51
N ASP B 223 0.66 30.57 -6.97
CA ASP B 223 0.89 30.60 -5.52
C ASP B 223 0.49 29.31 -4.77
N GLY B 224 0.31 28.23 -5.53
CA GLY B 224 -0.12 26.94 -4.98
C GLY B 224 -1.59 26.88 -4.66
N LYS B 225 -2.32 27.93 -5.01
CA LYS B 225 -3.69 28.13 -4.53
C LYS B 225 -4.77 27.35 -5.28
N LEU B 226 -5.94 27.24 -4.66
CA LEU B 226 -7.12 26.69 -5.31
C LEU B 226 -7.92 27.83 -5.91
N LYS B 227 -8.55 27.59 -7.06
CA LYS B 227 -9.48 28.54 -7.65
C LYS B 227 -10.57 28.91 -6.64
N TYR B 228 -11.03 30.16 -6.71
CA TYR B 228 -12.08 30.66 -5.82
C TYR B 228 -12.81 31.82 -6.48
N GLN B 229 -13.95 32.19 -5.93
CA GLN B 229 -14.63 33.42 -6.31
C GLN B 229 -14.85 34.27 -5.08
N VAL B 230 -15.11 35.56 -5.29
CA VAL B 230 -15.45 36.48 -4.22
C VAL B 230 -16.89 36.96 -4.42
N ILE B 231 -17.73 36.69 -3.42
CA ILE B 231 -19.12 37.14 -3.41
C ILE B 231 -19.33 37.99 -2.16
N GLY B 232 -19.67 39.26 -2.38
CA GLY B 232 -19.90 40.23 -1.31
C GLY B 232 -18.73 40.36 -0.35
N GLY B 233 -17.52 40.30 -0.90
CA GLY B 233 -16.30 40.39 -0.12
C GLY B 233 -15.86 39.09 0.52
N GLU B 234 -16.61 38.02 0.27
CA GLU B 234 -16.33 36.72 0.88
C GLU B 234 -15.82 35.70 -0.14
N VAL B 235 -14.85 34.89 0.29
CA VAL B 235 -14.28 33.87 -0.59
C VAL B 235 -15.13 32.61 -0.57
N TYR B 236 -15.55 32.17 -1.75
CA TYR B 236 -16.26 30.90 -1.89
C TYR B 236 -15.62 30.03 -2.97
N PRO B 237 -16.01 28.74 -3.04
CA PRO B 237 -15.50 27.90 -4.13
C PRO B 237 -15.94 28.42 -5.51
N PRO B 238 -15.19 28.08 -6.57
CA PRO B 238 -15.56 28.53 -7.92
C PRO B 238 -16.80 27.78 -8.42
N THR B 239 -17.27 28.10 -9.61
CA THR B 239 -18.46 27.45 -10.16
C THR B 239 -18.12 26.27 -11.07
N VAL B 240 -19.11 25.40 -11.28
CA VAL B 240 -19.04 24.34 -12.29
C VAL B 240 -18.71 24.96 -13.66
N LYS B 241 -19.41 26.02 -14.02
CA LYS B 241 -19.23 26.68 -15.31
C LYS B 241 -17.81 27.21 -15.52
N ASP B 242 -17.22 27.74 -14.45
CA ASP B 242 -15.85 28.29 -14.50
C ASP B 242 -14.74 27.23 -14.56
N THR B 243 -14.94 26.12 -13.84
CA THR B 243 -13.90 25.10 -13.73
C THR B 243 -14.06 23.94 -14.69
N GLN B 244 -15.29 23.71 -15.17
CA GLN B 244 -15.65 22.50 -15.91
C GLN B 244 -15.53 21.26 -15.02
N VAL B 245 -15.58 21.49 -13.71
CA VAL B 245 -15.56 20.41 -12.73
C VAL B 245 -16.99 19.91 -12.56
N GLU B 246 -17.21 18.62 -12.82
CA GLU B 246 -18.54 18.04 -12.70
C GLU B 246 -18.96 17.85 -11.25
N MET B 247 -20.20 18.24 -10.96
CA MET B 247 -20.79 18.17 -9.63
C MET B 247 -22.19 17.58 -9.77
N ILE B 248 -22.69 16.97 -8.69
CA ILE B 248 -24.07 16.47 -8.68
C ILE B 248 -25.01 17.57 -8.18
N TYR B 249 -25.83 18.08 -9.10
CA TYR B 249 -26.85 19.08 -8.78
C TYR B 249 -28.15 18.76 -9.52
N PRO B 250 -29.31 19.03 -8.88
CA PRO B 250 -30.59 19.01 -9.59
C PRO B 250 -30.55 20.03 -10.72
N PRO B 251 -31.22 19.74 -11.85
CA PRO B 251 -31.19 20.65 -13.02
C PRO B 251 -31.59 22.09 -12.71
N HIS B 252 -32.50 22.30 -11.75
CA HIS B 252 -33.03 23.64 -11.46
C HIS B 252 -32.04 24.59 -10.77
N ILE B 253 -30.96 24.05 -10.23
CA ILE B 253 -29.93 24.86 -9.53
C ILE B 253 -29.23 25.83 -10.50
N PRO B 254 -29.33 27.14 -10.23
CA PRO B 254 -28.73 28.16 -11.10
C PRO B 254 -27.22 28.04 -11.18
N GLU B 255 -26.68 28.43 -12.33
CA GLU B 255 -25.25 28.29 -12.61
C GLU B 255 -24.34 28.95 -11.56
N ASN B 256 -24.75 30.11 -11.06
CA ASN B 256 -23.98 30.81 -10.02
C ASN B 256 -23.97 30.07 -8.68
N LEU B 257 -24.99 29.24 -8.45
CA LEU B 257 -25.10 28.48 -7.21
C LEU B 257 -24.51 27.06 -7.29
N GLN B 258 -23.92 26.72 -8.43
CA GLN B 258 -23.28 25.42 -8.60
C GLN B 258 -21.79 25.50 -8.22
N PHE B 259 -21.49 25.49 -6.93
CA PHE B 259 -20.10 25.49 -6.48
C PHE B 259 -19.39 24.21 -6.88
N ALA B 260 -18.15 24.35 -7.32
CA ALA B 260 -17.31 23.21 -7.67
C ALA B 260 -16.26 22.98 -6.59
N VAL B 261 -16.34 21.81 -5.96
CA VAL B 261 -15.36 21.40 -4.96
C VAL B 261 -14.84 20.00 -5.25
N GLY B 262 -13.86 19.54 -4.47
CA GLY B 262 -13.18 18.26 -4.71
C GLY B 262 -14.13 17.08 -4.81
N GLN B 263 -15.12 17.06 -3.93
CA GLN B 263 -16.06 15.96 -3.88
C GLN B 263 -17.41 16.33 -4.50
N GLU B 264 -17.81 15.48 -5.45
CA GLU B 264 -18.95 15.67 -6.34
C GLU B 264 -20.31 15.95 -5.66
N VAL B 265 -20.53 15.39 -4.48
CA VAL B 265 -21.87 15.45 -3.86
C VAL B 265 -22.04 16.58 -2.85
N PHE B 266 -20.96 17.31 -2.55
CA PHE B 266 -20.99 18.30 -1.46
C PHE B 266 -21.93 19.49 -1.68
N GLY B 267 -22.46 19.62 -2.89
CA GLY B 267 -23.56 20.57 -3.14
C GLY B 267 -24.90 20.11 -2.57
N LEU B 268 -24.98 18.85 -2.16
CA LEU B 268 -26.21 18.26 -1.59
C LEU B 268 -26.72 19.04 -0.38
N VAL B 269 -25.78 19.47 0.47
CA VAL B 269 -26.09 19.99 1.79
C VAL B 269 -25.24 21.23 2.05
N PRO B 270 -25.87 22.35 2.43
CA PRO B 270 -25.13 23.56 2.75
C PRO B 270 -24.17 23.40 3.92
N GLY B 271 -24.44 22.45 4.81
CA GLY B 271 -23.50 22.14 5.89
C GLY B 271 -22.18 21.60 5.34
N LEU B 272 -22.28 20.81 4.27
CA LEU B 272 -21.09 20.30 3.57
C LEU B 272 -20.37 21.43 2.83
N MET B 273 -21.13 22.30 2.17
CA MET B 273 -20.53 23.43 1.45
C MET B 273 -19.86 24.44 2.39
N MET B 274 -20.35 24.52 3.64
CA MET B 274 -19.73 25.34 4.67
C MET B 274 -18.30 24.88 4.90
N TYR B 275 -18.13 23.58 5.16
CA TYR B 275 -16.79 23.02 5.42
C TYR B 275 -15.92 23.02 4.18
N ALA B 276 -16.52 22.80 3.02
CA ALA B 276 -15.80 22.88 1.75
C ALA B 276 -15.19 24.28 1.58
N THR B 277 -15.96 25.30 1.91
CA THR B 277 -15.49 26.68 1.86
C THR B 277 -14.41 26.95 2.91
N ILE B 278 -14.62 26.47 4.13
CA ILE B 278 -13.65 26.65 5.22
C ILE B 278 -12.29 26.04 4.89
N TRP B 279 -12.29 24.81 4.39
CA TRP B 279 -11.06 24.12 4.02
C TRP B 279 -10.39 24.69 2.78
N LEU B 280 -11.18 25.21 1.84
CA LEU B 280 -10.61 25.86 0.68
C LEU B 280 -9.82 27.10 1.13
N ARG B 281 -10.43 27.90 2.01
CA ARG B 281 -9.79 29.07 2.57
C ARG B 281 -8.51 28.72 3.30
N GLU B 282 -8.55 27.65 4.10
CA GLU B 282 -7.38 27.17 4.85
C GLU B 282 -6.22 26.80 3.91
N HIS B 283 -6.53 26.08 2.83
CA HIS B 283 -5.50 25.76 1.86
C HIS B 283 -4.80 27.01 1.38
N ASN B 284 -5.60 28.00 0.95
CA ASN B 284 -5.06 29.25 0.43
C ASN B 284 -4.34 30.09 1.49
N ARG B 285 -4.81 29.99 2.73
CA ARG B 285 -4.14 30.61 3.88
C ARG B 285 -2.75 30.01 4.09
N VAL B 286 -2.66 28.67 4.00
CA VAL B 286 -1.41 27.96 4.16
C VAL B 286 -0.44 28.26 3.02
N CYS B 287 -0.97 28.37 1.80
CA CYS B 287 -0.19 28.83 0.66
C CYS B 287 0.47 30.19 0.95
N ASP B 288 -0.30 31.11 1.54
CA ASP B 288 0.20 32.45 1.85
C ASP B 288 1.37 32.36 2.83
N ILE B 289 1.20 31.55 3.86
CA ILE B 289 2.24 31.35 4.88
C ILE B 289 3.47 30.71 4.27
N LEU B 290 3.30 29.67 3.44
CA LEU B 290 4.45 29.00 2.84
C LEU B 290 5.24 29.88 1.88
N LYS B 291 4.53 30.74 1.14
CA LYS B 291 5.18 31.70 0.23
C LYS B 291 6.05 32.70 0.99
N GLN B 292 5.63 33.06 2.20
CA GLN B 292 6.41 33.93 3.08
C GLN B 292 7.65 33.21 3.60
N GLU B 293 7.52 31.91 3.88
CA GLU B 293 8.65 31.10 4.31
C GLU B 293 9.57 30.78 3.13
N HIS B 294 8.98 30.64 1.93
CA HIS B 294 9.73 30.23 0.75
C HIS B 294 9.38 31.06 -0.48
N PRO B 295 9.92 32.30 -0.57
CA PRO B 295 9.69 33.12 -1.76
C PRO B 295 10.24 32.48 -3.03
N GLU B 296 11.16 31.53 -2.88
CA GLU B 296 11.81 30.86 -3.99
C GLU B 296 11.00 29.70 -4.59
N TRP B 297 9.98 29.23 -3.87
CA TRP B 297 9.17 28.08 -4.31
C TRP B 297 8.23 28.44 -5.44
N GLY B 298 7.95 27.46 -6.29
CA GLY B 298 6.96 27.62 -7.34
C GLY B 298 5.59 27.14 -6.92
N ASP B 299 4.61 27.34 -7.80
CA ASP B 299 3.23 26.94 -7.58
C ASP B 299 3.07 25.46 -7.18
N GLU B 300 3.73 24.56 -7.91
CA GLU B 300 3.58 23.12 -7.66
C GLU B 300 3.95 22.74 -6.22
N GLN B 301 5.13 23.14 -5.76
CA GLN B 301 5.57 22.84 -4.40
C GLN B 301 4.71 23.55 -3.34
N LEU B 302 4.29 24.78 -3.61
CA LEU B 302 3.37 25.45 -2.68
C LEU B 302 2.07 24.66 -2.54
N PHE B 303 1.51 24.20 -3.67
CA PHE B 303 0.29 23.44 -3.62
C PHE B 303 0.47 22.11 -2.87
N GLN B 304 1.48 21.33 -3.26
CA GLN B 304 1.70 20.01 -2.69
C GLN B 304 1.97 20.06 -1.19
N THR B 305 2.82 21.01 -0.78
CA THR B 305 3.16 21.14 0.64
C THR B 305 1.94 21.56 1.46
N SER B 306 1.12 22.48 0.91
CA SER B 306 -0.13 22.85 1.57
C SER B 306 -1.08 21.66 1.73
N ARG B 307 -1.22 20.85 0.69
CA ARG B 307 -2.02 19.62 0.81
C ARG B 307 -1.51 18.75 1.97
N LEU B 308 -0.20 18.54 2.03
CA LEU B 308 0.36 17.73 3.11
C LEU B 308 0.05 18.30 4.50
N ILE B 309 0.17 19.60 4.65
CA ILE B 309 -0.14 20.29 5.91
C ILE B 309 -1.61 20.13 6.29
N LEU B 310 -2.50 20.36 5.32
CA LEU B 310 -3.94 20.18 5.54
C LEU B 310 -4.33 18.75 5.89
N ILE B 311 -3.62 17.77 5.32
CA ILE B 311 -3.81 16.38 5.70
C ILE B 311 -3.45 16.22 7.18
N GLY B 312 -2.31 16.78 7.57
CA GLY B 312 -1.89 16.79 8.96
C GLY B 312 -2.86 17.50 9.89
N GLU B 313 -3.35 18.67 9.47
CA GLU B 313 -4.35 19.40 10.25
C GLU B 313 -5.60 18.57 10.47
N THR B 314 -6.03 17.88 9.41
CA THR B 314 -7.23 17.07 9.45
C THR B 314 -7.11 15.96 10.48
N ILE B 315 -6.03 15.19 10.41
CA ILE B 315 -5.80 14.10 11.34
C ILE B 315 -5.71 14.65 12.78
N LYS B 316 -4.99 15.77 12.92
CA LYS B 316 -4.88 16.43 14.21
C LYS B 316 -6.24 16.76 14.81
N ILE B 317 -7.10 17.39 14.03
CA ILE B 317 -8.44 17.80 14.49
C ILE B 317 -9.32 16.59 14.80
N VAL B 318 -9.30 15.60 13.91
CA VAL B 318 -10.09 14.39 14.11
C VAL B 318 -9.75 13.73 15.46
N ILE B 319 -8.47 13.58 15.77
CA ILE B 319 -8.08 12.91 17.00
C ILE B 319 -8.39 13.77 18.23
N GLU B 320 -7.88 15.00 18.23
CA GLU B 320 -7.83 15.79 19.45
C GLU B 320 -9.09 16.62 19.71
N ASP B 321 -9.95 16.77 18.71
CA ASP B 321 -11.23 17.45 18.90
C ASP B 321 -12.40 16.52 18.69
N TYR B 322 -12.40 15.85 17.54
CA TYR B 322 -13.55 15.07 17.06
C TYR B 322 -13.70 13.76 17.84
N VAL B 323 -12.71 12.88 17.74
CA VAL B 323 -12.72 11.65 18.52
C VAL B 323 -12.69 11.97 20.02
N GLN B 324 -11.92 12.99 20.41
CA GLN B 324 -11.92 13.47 21.79
C GLN B 324 -13.35 13.70 22.31
N HIS B 325 -14.16 14.43 21.54
CA HIS B 325 -15.54 14.75 21.92
C HIS B 325 -16.42 13.50 21.98
N LEU B 326 -16.35 12.67 20.92
CA LEU B 326 -17.05 11.40 20.84
C LEU B 326 -16.79 10.49 22.01
N SER B 327 -15.52 10.33 22.34
CA SER B 327 -15.09 9.37 23.35
C SER B 327 -15.74 9.60 24.70
N GLY B 328 -15.92 10.88 25.03
CA GLY B 328 -16.36 11.30 26.35
C GLY B 328 -15.28 11.18 27.40
N TYR B 329 -14.04 10.92 26.97
CA TYR B 329 -12.94 10.69 27.90
C TYR B 329 -12.49 11.97 28.61
N HIS B 330 -12.12 11.82 29.87
CA HIS B 330 -11.45 12.90 30.60
C HIS B 330 -9.97 12.97 30.22
N PHE B 331 -9.40 11.84 29.80
CA PHE B 331 -8.05 11.79 29.26
C PHE B 331 -7.98 12.51 27.91
N LYS B 332 -6.99 13.38 27.75
CA LYS B 332 -6.79 14.14 26.51
C LYS B 332 -6.02 13.34 25.46
N LEU B 333 -6.72 12.90 24.42
CA LEU B 333 -6.11 12.16 23.32
C LEU B 333 -5.06 13.03 22.61
N LYS B 334 -4.04 12.38 22.06
CA LYS B 334 -2.94 13.08 21.44
C LYS B 334 -2.67 12.58 20.02
N PHE B 335 -2.46 13.51 19.10
CA PHE B 335 -1.95 13.16 17.78
C PHE B 335 -0.43 13.26 17.82
N ASP B 336 0.22 12.10 17.85
CA ASP B 336 1.67 12.05 17.88
C ASP B 336 2.20 10.77 17.21
N PRO B 337 2.59 10.87 15.93
CA PRO B 337 3.15 9.74 15.18
C PRO B 337 4.35 9.08 15.83
N GLU B 338 5.15 9.85 16.57
CA GLU B 338 6.33 9.33 17.25
C GLU B 338 6.02 8.22 18.24
N LEU B 339 4.79 8.20 18.76
CA LEU B 339 4.35 7.15 19.69
C LEU B 339 4.41 5.75 19.09
N LEU B 340 4.38 5.65 17.78
CA LEU B 340 4.39 4.35 17.08
C LEU B 340 5.75 3.96 16.51
N PHE B 341 6.74 4.85 16.62
CA PHE B 341 8.05 4.61 15.98
C PHE B 341 8.82 3.41 16.51
N ASN B 342 8.61 3.07 17.78
CA ASN B 342 9.21 1.85 18.35
C ASN B 342 8.20 0.71 18.41
N GLN B 343 7.10 0.85 17.69
CA GLN B 343 6.02 -0.14 17.66
C GLN B 343 5.88 -0.80 16.29
N GLN B 344 5.30 -1.99 16.29
CA GLN B 344 4.97 -2.69 15.04
C GLN B 344 3.65 -2.12 14.56
N PHE B 345 3.68 -1.46 13.40
CA PHE B 345 2.52 -0.81 12.86
C PHE B 345 2.66 -0.66 11.35
N GLN B 346 1.56 -0.91 10.64
CA GLN B 346 1.57 -0.81 9.18
C GLN B 346 1.03 0.54 8.71
N TYR B 347 1.88 1.31 8.01
CA TYR B 347 1.48 2.60 7.45
C TYR B 347 0.74 2.42 6.13
N GLN B 348 -0.45 1.85 6.25
CA GLN B 348 -1.33 1.62 5.11
C GLN B 348 -2.73 1.39 5.65
N ASN B 349 -3.72 1.61 4.79
CA ASN B 349 -5.10 1.45 5.20
C ASN B 349 -5.93 1.04 4.00
N ARG B 350 -6.95 0.22 4.25
CA ARG B 350 -7.96 -0.10 3.24
C ARG B 350 -9.31 0.04 3.92
N ILE B 351 -10.19 0.83 3.33
CA ILE B 351 -11.46 1.16 3.96
C ILE B 351 -12.37 -0.05 3.99
N ALA B 352 -12.83 -0.40 5.20
CA ALA B 352 -13.74 -1.52 5.39
C ALA B 352 -15.19 -1.12 5.15
N SER B 353 -15.90 -1.99 4.43
CA SER B 353 -17.32 -1.87 4.24
C SER B 353 -18.08 -1.71 5.57
N GLU B 354 -17.67 -2.46 6.60
CA GLU B 354 -18.32 -2.38 7.89
C GLU B 354 -18.10 -1.05 8.59
N PHE B 355 -16.96 -0.43 8.33
CA PHE B 355 -16.69 0.94 8.81
C PHE B 355 -17.66 1.93 8.18
N ASN B 356 -17.82 1.87 6.86
CA ASN B 356 -18.87 2.61 6.15
C ASN B 356 -20.24 2.38 6.76
N THR B 357 -20.63 1.11 6.92
CA THR B 357 -21.95 0.76 7.46
C THR B 357 -22.21 1.34 8.85
N LEU B 358 -21.25 1.16 9.76
CA LEU B 358 -21.39 1.65 11.14
C LEU B 358 -21.43 3.18 11.23
N TYR B 359 -20.96 3.86 10.18
CA TYR B 359 -20.87 5.31 10.20
C TYR B 359 -22.09 5.99 9.58
N HIS B 360 -23.12 5.22 9.31
CA HIS B 360 -24.37 5.80 8.84
C HIS B 360 -25.14 6.38 10.04
N TRP B 361 -24.61 7.49 10.56
CA TRP B 361 -25.12 8.11 11.78
C TRP B 361 -26.28 9.06 11.49
N HIS B 362 -27.27 8.59 10.75
CA HIS B 362 -28.36 9.48 10.37
CA HIS B 362 -28.47 9.37 10.35
C HIS B 362 -29.23 9.98 11.53
N PRO B 363 -29.24 9.27 12.70
CA PRO B 363 -29.94 9.88 13.83
C PRO B 363 -29.35 11.19 14.34
N LEU B 364 -28.11 11.52 13.98
CA LEU B 364 -27.50 12.81 14.31
C LEU B 364 -28.34 13.99 13.83
N LEU B 365 -28.99 13.82 12.70
CA LEU B 365 -29.68 14.91 12.01
C LEU B 365 -30.91 15.40 12.78
N PRO B 366 -31.08 16.73 12.86
CA PRO B 366 -32.24 17.35 13.51
C PRO B 366 -33.47 17.27 12.62
N ASP B 367 -34.62 17.68 13.14
CA ASP B 367 -35.84 17.70 12.36
C ASP B 367 -35.87 18.90 11.42
N THR B 368 -35.28 19.99 11.87
CA THR B 368 -35.08 21.20 11.06
C THR B 368 -33.67 21.74 11.30
N PHE B 369 -33.17 22.52 10.34
CA PHE B 369 -31.84 23.13 10.46
C PHE B 369 -32.00 24.60 10.83
N ASN B 370 -31.56 24.95 12.03
CA ASN B 370 -31.83 26.26 12.59
C ASN B 370 -30.65 27.23 12.40
N ILE B 371 -30.81 28.14 11.45
CA ILE B 371 -29.82 29.16 11.15
C ILE B 371 -30.39 30.54 11.46
N GLU B 372 -29.74 31.25 12.39
CA GLU B 372 -30.15 32.61 12.78
C GLU B 372 -31.62 32.58 13.27
N ASP B 373 -32.50 33.32 12.61
CA ASP B 373 -33.93 33.34 12.97
C ASP B 373 -34.76 32.31 12.21
N GLN B 374 -34.12 31.57 11.30
CA GLN B 374 -34.85 30.69 10.38
C GLN B 374 -34.81 29.22 10.80
N GLU B 375 -35.88 28.49 10.47
CA GLU B 375 -35.91 27.04 10.64
C GLU B 375 -36.21 26.36 9.31
N TYR B 376 -35.21 25.67 8.77
CA TYR B 376 -35.32 25.05 7.47
C TYR B 376 -35.65 23.56 7.59
N SER B 377 -36.70 23.15 6.89
CA SER B 377 -37.02 21.74 6.77
C SER B 377 -35.95 21.09 5.90
N PHE B 378 -35.92 19.76 5.87
CA PHE B 378 -35.05 19.05 4.94
C PHE B 378 -35.24 19.50 3.50
N LYS B 379 -36.50 19.58 3.08
CA LYS B 379 -36.87 20.04 1.74
C LYS B 379 -36.23 21.38 1.39
N GLN B 380 -36.33 22.34 2.31
CA GLN B 380 -35.79 23.68 2.10
C GLN B 380 -34.27 23.71 2.13
N PHE B 381 -33.68 22.87 2.97
CA PHE B 381 -32.24 22.82 3.18
C PHE B 381 -31.49 22.15 2.03
N LEU B 382 -31.99 21.01 1.56
CA LEU B 382 -31.25 20.19 0.60
C LEU B 382 -31.02 20.90 -0.73
N TYR B 383 -29.78 20.84 -1.19
CA TYR B 383 -29.35 21.44 -2.46
C TYR B 383 -29.50 22.96 -2.53
N ASN B 384 -29.57 23.61 -1.39
CA ASN B 384 -29.88 25.04 -1.34
C ASN B 384 -28.73 25.88 -0.80
N ASN B 385 -27.76 26.17 -1.66
CA ASN B 385 -26.61 26.99 -1.29
C ASN B 385 -26.89 28.48 -1.14
N SER B 386 -28.07 28.92 -1.59
CA SER B 386 -28.57 30.27 -1.32
C SER B 386 -28.56 30.56 0.17
N ILE B 387 -28.91 29.54 0.96
CA ILE B 387 -28.93 29.66 2.41
C ILE B 387 -27.54 30.05 2.94
N LEU B 388 -26.49 29.44 2.38
CA LEU B 388 -25.12 29.74 2.78
C LEU B 388 -24.77 31.18 2.46
N LEU B 389 -25.08 31.62 1.25
CA LEU B 389 -24.79 32.99 0.83
C LEU B 389 -25.61 34.04 1.59
N GLU B 390 -26.88 33.70 1.84
CA GLU B 390 -27.81 34.58 2.54
C GLU B 390 -27.36 34.86 3.98
N HIS B 391 -27.00 33.81 4.71
CA HIS B 391 -26.57 33.97 6.11
C HIS B 391 -25.06 34.24 6.26
N GLY B 392 -24.24 33.62 5.41
CA GLY B 392 -22.79 33.73 5.53
C GLY B 392 -22.22 32.70 6.48
N LEU B 393 -20.92 32.42 6.34
CA LEU B 393 -20.26 31.40 7.15
C LEU B 393 -20.26 31.69 8.65
N THR B 394 -20.11 32.96 9.03
CA THR B 394 -20.09 33.34 10.45
C THR B 394 -21.38 32.89 11.15
N GLN B 395 -22.54 33.21 10.56
CA GLN B 395 -23.83 32.81 11.11
C GLN B 395 -24.04 31.29 11.05
N PHE B 396 -23.53 30.65 10.01
CA PHE B 396 -23.54 29.19 9.95
C PHE B 396 -22.80 28.61 11.16
N VAL B 397 -21.58 29.07 11.40
CA VAL B 397 -20.80 28.58 12.54
C VAL B 397 -21.53 28.86 13.85
N GLU B 398 -21.96 30.11 14.05
CA GLU B 398 -22.67 30.47 15.28
C GLU B 398 -23.91 29.60 15.53
N SER B 399 -24.73 29.45 14.49
CA SER B 399 -25.96 28.66 14.56
C SER B 399 -25.70 27.18 14.75
N PHE B 400 -24.79 26.62 13.96
CA PHE B 400 -24.50 25.18 14.04
C PHE B 400 -23.84 24.76 15.34
N THR B 401 -23.07 25.69 15.93
CA THR B 401 -22.44 25.46 17.22
C THR B 401 -23.50 25.38 18.33
N ARG B 402 -24.59 26.15 18.18
CA ARG B 402 -25.69 26.17 19.17
C ARG B 402 -26.63 24.98 19.06
N GLN B 403 -26.86 24.46 17.85
CA GLN B 403 -27.90 23.46 17.64
C GLN B 403 -27.46 22.03 17.98
N ILE B 404 -28.17 21.41 18.93
CA ILE B 404 -27.89 20.03 19.33
C ILE B 404 -28.27 19.01 18.25
N ALA B 405 -27.44 17.99 18.11
CA ALA B 405 -27.67 16.84 17.24
C ALA B 405 -28.37 15.71 18.00
N GLY B 406 -28.80 14.69 17.25
CA GLY B 406 -29.52 13.58 17.85
C GLY B 406 -28.62 12.49 18.37
N ARG B 407 -29.13 11.72 19.33
CA ARG B 407 -28.45 10.55 19.85
C ARG B 407 -28.50 9.43 18.84
N VAL B 408 -27.39 8.73 18.66
CA VAL B 408 -27.28 7.71 17.61
C VAL B 408 -27.76 6.34 18.11
N ALA B 409 -27.25 5.92 19.26
CA ALA B 409 -27.72 4.67 19.88
C ALA B 409 -29.04 4.92 20.63
N GLY B 410 -29.59 3.85 21.23
CA GLY B 410 -30.81 3.97 22.06
C GLY B 410 -32.12 3.82 21.32
N GLY B 411 -32.07 3.75 19.99
CA GLY B 411 -33.23 3.45 19.17
C GLY B 411 -34.17 4.62 18.88
N ARG B 412 -34.96 4.44 17.82
CA ARG B 412 -36.04 5.36 17.43
C ARG B 412 -35.62 6.82 17.33
N ASN B 413 -34.56 7.08 16.57
CA ASN B 413 -34.11 8.46 16.40
C ASN B 413 -33.67 8.82 14.97
N VAL B 414 -34.01 7.99 14.00
CA VAL B 414 -33.79 8.30 12.59
C VAL B 414 -34.91 9.23 12.10
N PRO B 415 -34.55 10.46 11.66
CA PRO B 415 -35.59 11.36 11.14
C PRO B 415 -36.30 10.75 9.93
N ILE B 416 -37.62 10.93 9.87
CA ILE B 416 -38.46 10.42 8.79
C ILE B 416 -37.95 10.82 7.41
N ALA B 417 -37.47 12.07 7.31
CA ALA B 417 -36.97 12.62 6.06
C ALA B 417 -35.95 11.72 5.36
N VAL B 418 -35.18 10.94 6.12
CA VAL B 418 -34.16 10.07 5.53
C VAL B 418 -34.44 8.58 5.77
N GLN B 419 -35.72 8.23 5.91
CA GLN B 419 -36.10 6.84 6.14
C GLN B 419 -35.63 5.87 5.03
N ALA B 420 -35.61 6.34 3.79
CA ALA B 420 -35.20 5.50 2.66
C ALA B 420 -33.70 5.20 2.70
N VAL B 421 -32.93 6.14 3.26
CA VAL B 421 -31.50 5.98 3.44
C VAL B 421 -31.20 4.93 4.52
N ALA B 422 -31.91 5.03 5.64
CA ALA B 422 -31.79 4.07 6.74
C ALA B 422 -32.18 2.67 6.28
N LYS B 423 -33.25 2.58 5.49
CA LYS B 423 -33.70 1.31 4.93
C LYS B 423 -32.64 0.75 3.98
N ALA B 424 -31.99 1.64 3.22
CA ALA B 424 -30.89 1.23 2.34
C ALA B 424 -29.68 0.63 3.07
N SER B 425 -29.33 1.19 4.24
CA SER B 425 -28.23 0.64 5.03
C SER B 425 -28.48 -0.82 5.44
N ILE B 426 -29.74 -1.11 5.79
CA ILE B 426 -30.14 -2.48 6.11
C ILE B 426 -30.09 -3.35 4.84
N ASP B 427 -30.76 -2.90 3.77
CA ASP B 427 -30.87 -3.67 2.53
C ASP B 427 -29.53 -3.96 1.89
N GLN B 428 -28.64 -2.98 1.92
CA GLN B 428 -27.31 -3.10 1.34
C GLN B 428 -26.40 -3.98 2.16
N SER B 429 -26.55 -3.95 3.49
CA SER B 429 -25.91 -4.94 4.37
C SER B 429 -26.24 -6.37 3.95
N ARG B 430 -27.53 -6.62 3.68
CA ARG B 430 -28.00 -7.95 3.30
C ARG B 430 -27.51 -8.34 1.90
N GLU B 431 -27.57 -7.39 0.97
CA GLU B 431 -27.04 -7.59 -0.37
C GLU B 431 -25.55 -7.98 -0.32
N MET B 432 -24.82 -7.34 0.59
CA MET B 432 -23.41 -7.59 0.80
C MET B 432 -23.14 -8.81 1.68
N LYS B 433 -24.21 -9.51 2.07
CA LYS B 433 -24.14 -10.76 2.84
C LYS B 433 -23.34 -10.62 4.15
N TYR B 434 -23.64 -9.56 4.89
CA TYR B 434 -23.04 -9.32 6.20
C TYR B 434 -23.40 -10.44 7.17
N GLN B 435 -22.40 -10.90 7.93
CA GLN B 435 -22.63 -11.75 9.08
C GLN B 435 -23.37 -11.00 10.18
N SER B 436 -23.86 -11.74 11.18
CA SER B 436 -24.69 -11.20 12.24
C SER B 436 -23.94 -10.22 13.16
N LEU B 437 -24.72 -9.45 13.93
CA LEU B 437 -24.16 -8.61 14.98
C LEU B 437 -23.22 -9.36 15.94
N ASN B 438 -23.67 -10.50 16.44
CA ASN B 438 -22.87 -11.27 17.40
C ASN B 438 -21.57 -11.82 16.82
N GLU B 439 -21.58 -12.11 15.52
CA GLU B 439 -20.35 -12.49 14.81
C GLU B 439 -19.36 -11.32 14.78
N TYR B 440 -19.86 -10.11 14.55
CA TYR B 440 -19.02 -8.91 14.55
C TYR B 440 -18.50 -8.55 15.93
N ARG B 441 -19.36 -8.73 16.95
CA ARG B 441 -18.93 -8.56 18.33
C ARG B 441 -17.79 -9.51 18.70
N LYS B 442 -17.91 -10.78 18.34
CA LYS B 442 -16.86 -11.76 18.58
C LYS B 442 -15.59 -11.40 17.81
N ARG B 443 -15.75 -10.95 16.57
CA ARG B 443 -14.63 -10.53 15.72
C ARG B 443 -13.80 -9.42 16.39
N PHE B 444 -14.47 -8.61 17.20
CA PHE B 444 -13.81 -7.49 17.88
C PHE B 444 -13.62 -7.69 19.39
N SER B 445 -13.49 -8.95 19.82
CA SER B 445 -13.21 -9.30 21.22
C SER B 445 -14.28 -8.85 22.21
N LEU B 446 -15.54 -8.85 21.76
CA LEU B 446 -16.67 -8.51 22.59
C LEU B 446 -17.53 -9.74 22.83
N LYS B 447 -18.15 -9.77 24.00
CA LYS B 447 -19.04 -10.86 24.38
C LYS B 447 -20.32 -10.81 23.52
N PRO B 448 -20.72 -11.95 22.93
CA PRO B 448 -22.02 -11.96 22.24
C PRO B 448 -23.17 -11.64 23.19
N TYR B 449 -24.14 -10.87 22.70
CA TYR B 449 -25.37 -10.61 23.45
C TYR B 449 -26.18 -11.91 23.53
N THR B 450 -26.72 -12.18 24.71
CA THR B 450 -27.48 -13.42 24.94
C THR B 450 -28.99 -13.23 24.80
N SER B 451 -29.43 -11.99 24.60
CA SER B 451 -30.85 -11.66 24.45
C SER B 451 -31.04 -10.27 23.83
N PHE B 452 -32.23 -10.02 23.29
CA PHE B 452 -32.54 -8.67 22.77
C PHE B 452 -32.62 -7.62 23.88
N GLU B 453 -33.11 -8.03 25.05
CA GLU B 453 -33.12 -7.16 26.24
C GLU B 453 -31.72 -6.72 26.66
N GLU B 454 -30.75 -7.63 26.55
CA GLU B 454 -29.36 -7.32 26.86
C GLU B 454 -28.81 -6.28 25.87
N LEU B 455 -29.18 -6.40 24.60
CA LEU B 455 -28.75 -5.46 23.56
C LEU B 455 -29.31 -4.04 23.77
N THR B 456 -30.61 -3.92 24.01
CA THR B 456 -31.24 -2.60 24.13
C THR B 456 -31.21 -2.00 25.54
N GLY B 457 -31.03 -2.86 26.56
CA GLY B 457 -31.07 -2.44 27.96
C GLY B 457 -32.48 -2.06 28.40
N GLU B 458 -33.46 -2.61 27.70
CA GLU B 458 -34.83 -2.11 27.74
C GLU B 458 -35.78 -3.26 27.34
N LYS B 459 -37.10 -3.03 27.39
CA LYS B 459 -38.07 -4.12 27.15
C LYS B 459 -38.91 -4.00 25.88
N GLU B 460 -39.37 -2.78 25.57
CA GLU B 460 -40.33 -2.56 24.47
C GLU B 460 -39.75 -2.87 23.10
N MET B 461 -38.61 -2.27 22.77
CA MET B 461 -37.92 -2.51 21.50
C MET B 461 -37.40 -3.94 21.41
N ALA B 462 -36.86 -4.44 22.52
CA ALA B 462 -36.37 -5.80 22.61
C ALA B 462 -37.43 -6.82 22.20
N ALA B 463 -38.66 -6.63 22.69
CA ALA B 463 -39.76 -7.54 22.38
C ALA B 463 -40.18 -7.45 20.92
N GLU B 464 -40.10 -6.24 20.35
CA GLU B 464 -40.38 -6.05 18.93
C GLU B 464 -39.32 -6.71 18.06
N LEU B 465 -38.06 -6.57 18.45
CA LEU B 465 -36.95 -7.22 17.74
C LEU B 465 -37.03 -8.75 17.82
N LYS B 466 -37.35 -9.27 19.00
CA LYS B 466 -37.52 -10.72 19.19
C LYS B 466 -38.59 -11.29 18.25
N ALA B 467 -39.72 -10.59 18.14
CA ALA B 467 -40.80 -11.00 17.26
C ALA B 467 -40.35 -10.97 15.79
N LEU B 468 -39.50 -10.00 15.45
CA LEU B 468 -38.98 -9.86 14.09
C LEU B 468 -37.88 -10.87 13.75
N TYR B 469 -36.88 -11.00 14.64
CA TYR B 469 -35.68 -11.81 14.37
C TYR B 469 -35.67 -13.23 14.96
N SER B 470 -36.42 -13.45 16.02
CA SER B 470 -36.51 -14.76 16.72
C SER B 470 -35.29 -15.11 17.56
N ASP B 471 -34.10 -15.02 16.96
CA ASP B 471 -32.86 -15.39 17.61
C ASP B 471 -31.91 -14.20 17.63
N ILE B 472 -31.36 -13.92 18.81
CA ILE B 472 -30.39 -12.83 18.99
C ILE B 472 -29.15 -12.99 18.10
N ASP B 473 -28.83 -14.24 17.76
CA ASP B 473 -27.67 -14.57 16.95
C ASP B 473 -27.87 -14.28 15.46
N VAL B 474 -29.05 -13.80 15.08
CA VAL B 474 -29.27 -13.36 13.70
C VAL B 474 -29.63 -11.88 13.61
N MET B 475 -29.60 -11.19 14.74
CA MET B 475 -29.75 -9.74 14.77
C MET B 475 -28.68 -9.13 13.87
N GLU B 476 -29.07 -8.16 13.05
CA GLU B 476 -28.17 -7.54 12.09
C GLU B 476 -27.35 -6.45 12.74
N LEU B 477 -26.17 -6.19 12.19
CA LEU B 477 -25.23 -5.24 12.75
C LEU B 477 -25.75 -3.80 12.77
N TYR B 478 -26.20 -3.30 11.62
CA TYR B 478 -26.57 -1.90 11.52
C TYR B 478 -27.76 -1.50 12.41
N PRO B 479 -28.90 -2.21 12.33
CA PRO B 479 -29.98 -1.88 13.25
C PRO B 479 -29.55 -2.01 14.71
N ALA B 480 -28.68 -2.97 15.01
CA ALA B 480 -28.21 -3.17 16.38
C ALA B 480 -27.54 -1.93 16.94
N LEU B 481 -26.66 -1.32 16.14
CA LEU B 481 -25.94 -0.10 16.53
C LEU B 481 -26.85 1.08 16.87
N LEU B 482 -27.98 1.17 16.17
CA LEU B 482 -28.92 2.27 16.39
C LEU B 482 -29.91 2.03 17.52
N VAL B 483 -30.03 0.79 17.99
CA VAL B 483 -30.94 0.45 19.10
C VAL B 483 -30.20 0.08 20.38
N GLU B 484 -28.89 -0.11 20.28
CA GLU B 484 -28.08 -0.59 21.38
C GLU B 484 -28.19 0.30 22.61
N LYS B 485 -28.27 -0.32 23.77
CA LYS B 485 -28.17 0.38 25.04
C LYS B 485 -26.94 1.29 24.98
N PRO B 486 -27.14 2.61 25.09
CA PRO B 486 -25.97 3.49 25.07
C PRO B 486 -25.20 3.41 26.39
N ARG B 487 -23.92 3.79 26.36
CA ARG B 487 -23.15 4.02 27.58
C ARG B 487 -23.84 5.13 28.36
N PRO B 488 -23.59 5.21 29.69
CA PRO B 488 -24.33 6.19 30.51
C PRO B 488 -24.19 7.62 29.97
N ASP B 489 -25.32 8.22 29.60
CA ASP B 489 -25.38 9.59 29.07
C ASP B 489 -24.51 9.78 27.81
N ALA B 490 -24.32 8.71 27.05
CA ALA B 490 -23.44 8.73 25.89
C ALA B 490 -24.22 8.65 24.57
N ILE B 491 -23.54 9.02 23.49
CA ILE B 491 -24.11 9.01 22.16
C ILE B 491 -24.17 7.58 21.56
N PHE B 492 -23.23 6.72 21.95
CA PHE B 492 -23.07 5.38 21.34
C PHE B 492 -23.11 4.27 22.38
N GLY B 493 -23.41 3.07 21.91
CA GLY B 493 -23.25 1.85 22.70
C GLY B 493 -21.90 1.23 22.46
N GLU B 494 -21.63 0.13 23.15
CA GLU B 494 -20.32 -0.52 23.16
C GLU B 494 -19.86 -0.95 21.76
N THR B 495 -20.79 -1.50 20.98
CA THR B 495 -20.47 -2.08 19.68
C THR B 495 -19.94 -1.01 18.72
N MET B 496 -20.60 0.16 18.70
CA MET B 496 -20.17 1.28 17.85
C MET B 496 -18.74 1.70 18.12
N VAL B 497 -18.41 1.91 19.38
CA VAL B 497 -17.07 2.37 19.77
C VAL B 497 -16.01 1.31 19.49
N GLU B 498 -16.31 0.06 19.83
CA GLU B 498 -15.30 -0.99 19.76
C GLU B 498 -15.00 -1.47 18.34
N LEU B 499 -15.92 -1.23 17.42
CA LEU B 499 -15.68 -1.50 16.02
C LEU B 499 -15.11 -0.26 15.34
N GLY B 500 -15.67 0.91 15.66
CA GLY B 500 -15.28 2.16 15.04
C GLY B 500 -13.86 2.60 15.33
N ALA B 501 -13.44 2.47 16.59
CA ALA B 501 -12.12 2.96 17.01
C ALA B 501 -10.94 2.30 16.28
N PRO B 502 -10.94 0.95 16.14
CA PRO B 502 -9.86 0.31 15.36
C PRO B 502 -9.86 0.69 13.88
N PHE B 503 -11.01 0.81 13.24
CA PHE B 503 -11.05 1.27 11.85
C PHE B 503 -10.52 2.71 11.78
N SER B 504 -10.95 3.53 12.73
CA SER B 504 -10.55 4.94 12.80
C SER B 504 -9.04 5.13 12.97
N LEU B 505 -8.47 4.46 13.97
CA LEU B 505 -7.03 4.50 14.25
C LEU B 505 -6.18 4.18 13.02
N LYS B 506 -6.57 3.14 12.29
CA LYS B 506 -5.85 2.73 11.08
C LYS B 506 -5.88 3.78 10.00
N GLY B 507 -7.05 4.38 9.78
CA GLY B 507 -7.21 5.39 8.74
C GLY B 507 -6.43 6.64 9.02
N LEU B 508 -6.22 6.93 10.31
CA LEU B 508 -5.56 8.17 10.72
C LEU B 508 -4.04 8.00 10.87
N MET B 509 -3.63 7.02 11.67
CA MET B 509 -2.20 6.75 11.91
C MET B 509 -1.51 6.02 10.74
N GLY B 510 -2.30 5.28 9.96
N GLY B 510 -2.32 5.28 9.96
CA GLY B 510 -1.75 4.57 8.79
CA GLY B 510 -1.83 4.58 8.77
C GLY B 510 -1.28 5.50 7.68
C GLY B 510 -1.79 5.44 7.52
N ASN B 511 -1.73 6.75 7.73
CA ASN B 511 -1.46 7.71 6.66
C ASN B 511 0.06 7.84 6.51
N PRO B 512 0.57 7.89 5.25
CA PRO B 512 2.01 7.94 5.08
C PRO B 512 2.69 9.14 5.76
N ILE B 513 1.97 10.24 5.97
CA ILE B 513 2.59 11.40 6.65
C ILE B 513 2.95 11.09 8.10
N CYS B 514 2.36 10.03 8.65
CA CYS B 514 2.65 9.59 10.02
C CYS B 514 3.89 8.69 10.10
N SER B 515 4.33 8.13 8.97
CA SER B 515 5.53 7.28 8.93
C SER B 515 6.78 8.08 9.29
N PRO B 516 7.83 7.42 9.84
CA PRO B 516 9.01 8.17 10.27
C PRO B 516 9.72 8.98 9.18
N GLN B 517 9.73 8.50 7.93
CA GLN B 517 10.40 9.26 6.87
C GLN B 517 9.62 10.49 6.39
N TYR B 518 8.32 10.54 6.66
CA TYR B 518 7.52 11.73 6.35
C TYR B 518 7.39 12.69 7.53
N TRP B 519 7.37 12.15 8.75
CA TRP B 519 7.04 12.98 9.92
C TRP B 519 8.25 13.81 10.37
N LYS B 520 8.60 14.80 9.53
CA LYS B 520 9.77 15.67 9.72
C LYS B 520 9.36 17.08 9.29
N PRO B 521 9.96 18.11 9.90
CA PRO B 521 9.65 19.49 9.51
C PRO B 521 9.76 19.75 8.01
N SER B 522 10.84 19.26 7.38
CA SER B 522 11.11 19.51 5.97
C SER B 522 10.01 19.02 5.02
N THR B 523 9.30 17.97 5.43
CA THR B 523 8.16 17.45 4.68
C THR B 523 7.09 18.54 4.50
N PHE B 524 7.03 19.46 5.46
CA PHE B 524 5.96 20.45 5.53
C PHE B 524 6.47 21.88 5.35
N GLY B 525 7.65 22.00 4.73
CA GLY B 525 8.21 23.31 4.41
C GLY B 525 8.98 23.97 5.55
N GLY B 526 9.28 23.21 6.59
CA GLY B 526 10.04 23.72 7.74
C GLY B 526 9.23 23.72 9.03
N GLU B 527 9.80 24.28 10.09
CA GLU B 527 9.15 24.27 11.41
C GLU B 527 7.81 25.02 11.45
N VAL B 528 7.70 26.11 10.71
CA VAL B 528 6.44 26.86 10.61
C VAL B 528 5.32 26.00 10.03
N GLY B 529 5.60 25.32 8.92
CA GLY B 529 4.61 24.46 8.28
C GLY B 529 4.22 23.30 9.18
N PHE B 530 5.22 22.75 9.85
CA PHE B 530 5.05 21.64 10.78
C PHE B 530 4.21 22.03 12.00
N LYS B 531 4.43 23.24 12.52
CA LYS B 531 3.65 23.73 13.67
C LYS B 531 2.16 23.96 13.34
N ILE B 532 1.87 24.34 12.10
CA ILE B 532 0.47 24.47 11.66
C ILE B 532 -0.28 23.17 11.96
N ILE B 533 0.33 22.03 11.63
CA ILE B 533 -0.24 20.72 11.90
C ILE B 533 -0.40 20.45 13.40
N ASN B 534 0.67 20.64 14.16
CA ASN B 534 0.71 20.26 15.55
C ASN B 534 -0.06 21.19 16.49
N THR B 535 -0.59 22.28 15.94
CA THR B 535 -1.38 23.21 16.74
C THR B 535 -2.79 23.36 16.18
N ALA B 536 -3.12 22.56 15.18
CA ALA B 536 -4.43 22.65 14.52
C ALA B 536 -5.54 22.27 15.49
N SER B 537 -6.69 22.94 15.34
CA SER B 537 -7.87 22.65 16.14
C SER B 537 -9.09 23.07 15.34
N ILE B 538 -10.26 22.56 15.71
CA ILE B 538 -11.50 22.96 15.03
C ILE B 538 -11.72 24.46 15.22
N GLN B 539 -11.38 24.97 16.40
CA GLN B 539 -11.47 26.38 16.70
C GLN B 539 -10.55 27.26 15.84
N SER B 540 -9.30 26.84 15.68
CA SER B 540 -8.32 27.59 14.88
C SER B 540 -8.73 27.58 13.42
N LEU B 541 -9.13 26.42 12.91
CA LEU B 541 -9.63 26.30 11.55
C LEU B 541 -10.71 27.34 11.25
N ILE B 542 -11.68 27.47 12.15
CA ILE B 542 -12.76 28.43 11.99
C ILE B 542 -12.28 29.86 12.26
N CYS B 543 -11.44 30.02 13.29
CA CYS B 543 -10.95 31.35 13.63
C CYS B 543 -10.17 32.00 12.48
N ASN B 544 -9.22 31.26 11.91
CA ASN B 544 -8.40 31.79 10.83
C ASN B 544 -9.16 32.03 9.52
N ASN B 545 -10.27 31.32 9.31
CA ASN B 545 -10.93 31.30 8.01
C ASN B 545 -12.38 31.84 7.95
N VAL B 546 -12.92 32.24 9.10
CA VAL B 546 -14.31 32.71 9.16
C VAL B 546 -14.33 34.11 9.76
N LYS B 547 -14.92 35.05 9.03
CA LYS B 547 -14.98 36.46 9.46
C LYS B 547 -15.46 36.55 10.90
N GLY B 548 -14.73 37.35 11.71
CA GLY B 548 -15.10 37.60 13.10
C GLY B 548 -14.57 36.58 14.09
N CYS B 549 -14.02 35.48 13.59
CA CYS B 549 -13.51 34.41 14.44
C CYS B 549 -14.56 33.98 15.51
N PRO B 550 -15.72 33.48 15.06
CA PRO B 550 -16.69 33.05 16.05
C PRO B 550 -16.15 31.87 16.87
N PHE B 551 -16.65 31.72 18.09
CA PHE B 551 -16.29 30.58 18.91
C PHE B 551 -16.95 29.31 18.38
N THR B 552 -16.24 28.20 18.51
CA THR B 552 -16.79 26.93 18.07
C THR B 552 -16.20 25.75 18.84
N SER B 553 -16.90 24.62 18.71
CA SER B 553 -16.51 23.35 19.27
C SER B 553 -17.52 22.32 18.76
N PHE B 554 -17.29 21.05 19.09
CA PHE B 554 -18.18 19.99 18.67
C PHE B 554 -19.33 19.74 19.66
N ASN B 555 -19.35 20.48 20.76
CA ASN B 555 -20.42 20.36 21.73
C ASN B 555 -21.24 21.62 21.94
N VAL B 556 -22.47 21.41 22.39
CA VAL B 556 -23.42 22.45 22.84
C VAL B 556 -24.41 22.85 21.74
#